data_7F71
#
_entry.id   7F71
#
_cell.length_a   60.906
_cell.length_b   93.981
_cell.length_c   75.539
_cell.angle_alpha   90.000
_cell.angle_beta   92.975
_cell.angle_gamma   90.000
#
_symmetry.space_group_name_H-M   'P 1 21 1'
#
loop_
_entity.id
_entity.type
_entity.pdbx_description
1 polymer 'L,D-transpeptidase 2'
2 non-polymer GLYCEROL
3 non-polymer 'GLUTAMIC ACID'
4 non-polymer beta-D-glucopyranose
5 water water
#
_entity_poly.entity_id   1
_entity_poly.type   'polypeptide(L)'
_entity_poly.pdbx_seq_one_letter_code
;GHMAPIKVIADKGTPFADLLVPKLTASVTDGAVGVTVDAPVSVTAADGVLAAVTMVNDNGRPVAGRLSPDGLRWSTTEQL
GYNRRYTLNATALGLGGAATRQLTFQTSSPAHLTMPYVMPGDGEVVGVGEPVAIRFDENIADRGAAEKAIKITTNPPVEG
AFYWLNNREVRWRPEHFWKPGTAVDVAVNTYGVDLGEGMFGEDNVQTHFTIGDEVIATADDNTKILTVRVNGEVVKSMPT
SMGKDSTPTANGIYIVGSRYKHIIMDSSTYGVPVNSPNGYRTDVDWATQISYSGVFVHSAPWSVGAQGHTNTSHGCLNVS
PSNAQWFYDHVKRGDIVEVVNTVGGTLPGIDGLGDWNIPWDQWRAGNAKA
;
_entity_poly.pdbx_strand_id   A,B
#
# COMPACT_ATOMS: atom_id res chain seq x y z
N LEU A 19 42.47 20.22 -24.24
CA LEU A 19 42.74 19.07 -25.11
C LEU A 19 41.77 17.89 -24.89
N LEU A 20 41.57 17.46 -23.65
CA LEU A 20 40.63 16.37 -23.38
C LEU A 20 39.24 16.89 -23.07
N VAL A 21 38.25 16.16 -23.58
CA VAL A 21 36.83 16.45 -23.38
C VAL A 21 36.41 15.94 -22.02
N PRO A 22 35.60 16.69 -21.33
CA PRO A 22 35.28 16.18 -20.01
C PRO A 22 34.52 14.85 -20.05
N LYS A 23 34.61 14.10 -18.93
CA LYS A 23 33.93 12.80 -18.82
C LYS A 23 33.03 12.74 -17.58
N LEU A 24 31.84 12.15 -17.75
CA LEU A 24 30.85 12.00 -16.69
C LEU A 24 30.72 10.53 -16.31
N THR A 25 30.65 10.27 -15.01
CA THR A 25 30.46 8.93 -14.47
C THR A 25 29.41 8.99 -13.38
N ALA A 26 28.32 8.23 -13.54
CA ALA A 26 27.26 8.20 -12.55
C ALA A 26 27.25 6.86 -11.83
N SER A 27 26.65 6.85 -10.64
CA SER A 27 26.53 5.63 -9.87
C SER A 27 25.39 4.74 -10.33
N VAL A 28 24.59 5.18 -11.30
CA VAL A 28 23.50 4.42 -11.90
C VAL A 28 23.75 4.37 -13.39
N THR A 29 23.09 3.42 -14.06
CA THR A 29 23.17 3.37 -15.52
C THR A 29 21.82 3.76 -16.08
N ASP A 30 21.85 4.45 -17.22
CA ASP A 30 20.64 4.75 -17.96
C ASP A 30 19.91 3.44 -18.29
N GLY A 31 18.60 3.43 -18.03
CA GLY A 31 17.76 2.29 -18.25
C GLY A 31 17.75 1.24 -17.15
N ALA A 32 18.44 1.49 -16.04
CA ALA A 32 18.52 0.46 -15.01
C ALA A 32 17.18 0.31 -14.29
N VAL A 33 16.93 -0.90 -13.80
CA VAL A 33 15.78 -1.18 -12.94
C VAL A 33 16.29 -1.85 -11.67
N GLY A 34 15.45 -1.83 -10.64
CA GLY A 34 15.86 -2.39 -9.34
C GLY A 34 17.01 -1.67 -8.67
N VAL A 35 17.17 -0.38 -8.93
CA VAL A 35 18.20 0.40 -8.26
C VAL A 35 17.87 0.50 -6.77
N THR A 36 18.80 0.05 -5.91
CA THR A 36 18.51 0.04 -4.49
C THR A 36 18.68 1.42 -3.89
N VAL A 37 17.86 1.71 -2.88
CA VAL A 37 17.85 3.03 -2.26
C VAL A 37 18.52 3.00 -0.89
N ASP A 38 19.38 2.01 -0.65
CA ASP A 38 20.23 2.00 0.53
C ASP A 38 21.45 2.91 0.39
N ALA A 39 21.68 3.51 -0.77
CA ALA A 39 22.84 4.37 -0.94
C ALA A 39 22.45 5.58 -1.76
N PRO A 40 23.17 6.68 -1.61
CA PRO A 40 22.93 7.86 -2.46
C PRO A 40 23.27 7.59 -3.92
N VAL A 41 22.69 8.41 -4.78
CA VAL A 41 23.07 8.43 -6.19
C VAL A 41 24.07 9.57 -6.40
N SER A 42 25.14 9.28 -7.13
CA SER A 42 26.19 10.26 -7.35
C SER A 42 26.55 10.39 -8.83
N VAL A 43 27.23 11.50 -9.12
CA VAL A 43 27.82 11.77 -10.44
C VAL A 43 29.17 12.42 -10.22
N THR A 44 30.14 12.02 -11.03
CA THR A 44 31.50 12.51 -10.92
C THR A 44 31.97 13.00 -12.28
N ALA A 45 32.76 14.07 -12.29
CA ALA A 45 33.38 14.58 -13.50
C ALA A 45 34.89 14.31 -13.46
N ALA A 46 35.45 14.01 -14.61
CA ALA A 46 36.90 13.94 -14.80
C ALA A 46 37.25 14.84 -15.97
N ASP A 47 38.48 15.36 -15.95
CA ASP A 47 38.94 16.31 -16.98
C ASP A 47 37.95 17.47 -17.16
N GLY A 48 37.38 17.90 -16.04
CA GLY A 48 36.41 18.98 -16.04
C GLY A 48 35.71 19.00 -14.71
N VAL A 49 34.71 19.86 -14.60
CA VAL A 49 33.93 20.04 -13.38
C VAL A 49 32.46 19.94 -13.72
N LEU A 50 31.65 19.70 -12.71
CA LEU A 50 30.21 19.59 -12.88
C LEU A 50 29.59 20.99 -12.89
N ALA A 51 29.05 21.39 -14.02
CA ALA A 51 28.42 22.70 -14.12
C ALA A 51 26.94 22.68 -13.82
N ALA A 52 26.29 21.53 -13.91
CA ALA A 52 24.87 21.44 -13.62
C ALA A 52 24.55 19.98 -13.37
N VAL A 53 23.86 19.70 -12.27
CA VAL A 53 23.34 18.38 -11.99
C VAL A 53 21.95 18.53 -11.39
N THR A 54 20.97 17.85 -11.98
CA THR A 54 19.61 17.81 -11.45
C THR A 54 19.11 16.37 -11.49
N MET A 55 18.34 16.00 -10.48
CA MET A 55 17.63 14.73 -10.49
C MET A 55 16.18 15.03 -10.14
N VAL A 56 15.26 14.47 -10.91
CA VAL A 56 13.83 14.66 -10.67
C VAL A 56 13.14 13.31 -10.68
N ASN A 57 12.03 13.24 -9.95
CA ASN A 57 11.23 12.03 -9.99
C ASN A 57 10.21 12.06 -11.13
N ASP A 58 9.39 11.00 -11.21
CA ASP A 58 8.53 10.80 -12.37
C ASP A 58 7.41 11.84 -12.42
N ASN A 59 7.23 12.55 -11.33
CA ASN A 59 6.34 13.70 -11.30
C ASN A 59 7.04 15.02 -11.65
N GLY A 60 8.36 15.01 -11.86
CA GLY A 60 9.11 16.22 -12.15
C GLY A 60 9.66 16.96 -10.95
N ARG A 61 9.39 16.52 -9.75
CA ARG A 61 9.85 17.28 -8.59
C ARG A 61 11.32 16.96 -8.28
N PRO A 62 12.11 17.98 -7.95
CA PRO A 62 13.55 17.77 -7.79
C PRO A 62 13.92 17.04 -6.51
N VAL A 63 15.02 16.29 -6.59
CA VAL A 63 15.63 15.59 -5.46
C VAL A 63 16.74 16.45 -4.91
N ALA A 64 16.83 16.52 -3.57
CA ALA A 64 17.89 17.30 -2.93
C ALA A 64 19.25 16.66 -3.18
N GLY A 65 20.25 17.50 -3.48
CA GLY A 65 21.62 17.04 -3.67
C GLY A 65 22.63 18.12 -3.33
N ARG A 66 23.90 17.72 -3.33
CA ARG A 66 24.98 18.64 -3.03
C ARG A 66 26.19 18.36 -3.92
N LEU A 67 26.76 19.43 -4.47
CA LEU A 67 27.99 19.37 -5.22
C LEU A 67 29.16 19.67 -4.29
N SER A 68 30.23 18.88 -4.41
CA SER A 68 31.43 19.11 -3.62
C SER A 68 32.08 20.43 -3.99
N PRO A 69 32.80 21.07 -3.06
CA PRO A 69 33.38 22.38 -3.37
C PRO A 69 34.29 22.39 -4.60
N ASP A 70 35.05 21.33 -4.83
CA ASP A 70 35.92 21.29 -6.00
C ASP A 70 35.17 21.00 -7.29
N GLY A 71 33.86 20.86 -7.26
CA GLY A 71 33.08 20.68 -8.46
C GLY A 71 33.12 19.30 -9.08
N LEU A 72 33.78 18.33 -8.44
CA LEU A 72 34.00 17.03 -9.07
C LEU A 72 32.92 16.00 -8.74
N ARG A 73 32.17 16.18 -7.66
CA ARG A 73 31.25 15.12 -7.23
C ARG A 73 29.95 15.69 -6.70
N TRP A 74 28.84 15.17 -7.23
CA TRP A 74 27.52 15.50 -6.75
C TRP A 74 26.89 14.25 -6.19
N SER A 75 26.10 14.41 -5.13
CA SER A 75 25.38 13.29 -4.56
C SER A 75 24.04 13.75 -4.02
N THR A 76 23.07 12.86 -4.09
CA THR A 76 21.81 13.07 -3.39
C THR A 76 22.07 13.16 -1.90
N THR A 77 21.23 13.92 -1.21
CA THR A 77 21.37 14.18 0.23
C THR A 77 20.12 13.84 1.01
N GLU A 78 19.08 13.30 0.39
CA GLU A 78 17.87 12.91 1.08
C GLU A 78 17.54 11.48 0.69
N GLN A 79 16.64 10.87 1.45
CA GLN A 79 16.22 9.51 1.16
C GLN A 79 15.59 9.41 -0.22
N LEU A 80 16.04 8.43 -1.01
CA LEU A 80 15.43 8.14 -2.29
C LEU A 80 14.30 7.14 -2.11
N GLY A 81 13.27 7.26 -2.92
CA GLY A 81 12.06 6.49 -2.69
C GLY A 81 11.99 5.18 -3.44
N TYR A 82 11.30 4.21 -2.82
CA TYR A 82 10.90 3.01 -3.53
C TYR A 82 9.95 3.33 -4.66
N ASN A 83 9.97 2.49 -5.68
CA ASN A 83 8.97 2.53 -6.75
C ASN A 83 8.92 3.88 -7.42
N ARG A 84 10.09 4.42 -7.73
N ARG A 84 10.10 4.43 -7.72
CA ARG A 84 10.21 5.70 -8.41
CA ARG A 84 10.21 5.71 -8.43
C ARG A 84 10.99 5.54 -9.70
C ARG A 84 10.96 5.50 -9.74
N ARG A 85 10.68 6.39 -10.68
CA ARG A 85 11.49 6.55 -11.87
C ARG A 85 12.16 7.92 -11.78
N TYR A 86 13.48 7.94 -11.67
CA TYR A 86 14.23 9.18 -11.54
C TYR A 86 14.97 9.49 -12.84
N THR A 87 15.09 10.77 -13.14
CA THR A 87 15.87 11.21 -14.30
C THR A 87 16.97 12.15 -13.84
N LEU A 88 18.20 11.79 -14.13
CA LEU A 88 19.39 12.54 -13.80
C LEU A 88 19.89 13.25 -15.06
N ASN A 89 20.12 14.57 -14.97
CA ASN A 89 20.73 15.34 -16.04
C ASN A 89 22.01 15.96 -15.49
N ALA A 90 23.12 15.77 -16.19
CA ALA A 90 24.39 16.32 -15.75
C ALA A 90 25.18 16.89 -16.92
N THR A 91 25.86 18.01 -16.67
CA THR A 91 26.76 18.62 -17.63
C THR A 91 28.11 18.87 -16.95
N ALA A 92 29.19 18.44 -17.61
CA ALA A 92 30.54 18.74 -17.17
C ALA A 92 31.17 19.69 -18.17
N LEU A 93 31.96 20.64 -17.67
CA LEU A 93 32.68 21.59 -18.52
C LEU A 93 34.14 21.52 -18.15
N GLY A 94 35.00 21.53 -19.16
CA GLY A 94 36.42 21.59 -18.94
C GLY A 94 37.04 22.51 -19.97
N LEU A 95 38.32 22.81 -19.76
CA LEU A 95 39.03 23.61 -20.75
C LEU A 95 38.91 23.00 -22.14
N GLY A 96 38.79 21.67 -22.23
CA GLY A 96 38.70 20.94 -23.46
C GLY A 96 37.33 20.78 -24.05
N GLY A 97 36.27 21.26 -23.39
CA GLY A 97 34.94 21.17 -23.97
C GLY A 97 33.83 20.93 -22.97
N ALA A 98 32.77 20.25 -23.39
CA ALA A 98 31.62 19.95 -22.54
C ALA A 98 31.08 18.57 -22.86
N ALA A 99 30.35 18.01 -21.89
CA ALA A 99 29.71 16.72 -22.03
C ALA A 99 28.43 16.75 -21.22
N THR A 100 27.33 16.28 -21.80
CA THR A 100 26.05 16.25 -21.10
C THR A 100 25.48 14.86 -21.24
N ARG A 101 24.89 14.34 -20.16
CA ARG A 101 24.25 13.04 -20.20
C ARG A 101 22.91 13.14 -19.48
N GLN A 102 21.97 12.30 -19.92
CA GLN A 102 20.67 12.16 -19.28
C GLN A 102 20.46 10.68 -19.01
N LEU A 103 20.12 10.34 -17.77
CA LEU A 103 19.97 8.95 -17.34
C LEU A 103 18.65 8.81 -16.61
N THR A 104 17.87 7.79 -16.97
CA THR A 104 16.62 7.48 -16.28
C THR A 104 16.66 6.06 -15.74
N PHE A 105 16.26 5.90 -14.49
CA PHE A 105 16.35 4.60 -13.84
C PHE A 105 15.18 4.43 -12.88
N GLN A 106 14.89 3.17 -12.56
CA GLN A 106 13.79 2.82 -11.67
C GLN A 106 14.37 2.20 -10.40
N THR A 107 13.85 2.61 -9.24
CA THR A 107 14.29 2.04 -7.98
C THR A 107 13.50 0.78 -7.63
N SER A 108 13.98 0.07 -6.60
CA SER A 108 13.33 -1.15 -6.15
C SER A 108 11.84 -0.93 -5.93
N SER A 109 11.06 -1.92 -6.33
CA SER A 109 9.63 -1.92 -6.07
C SER A 109 9.26 -3.05 -5.10
N PRO A 110 9.15 -2.78 -3.80
CA PRO A 110 8.90 -3.87 -2.84
C PRO A 110 7.50 -4.45 -2.97
N ALA A 111 7.42 -5.75 -2.65
CA ALA A 111 6.14 -6.40 -2.42
C ALA A 111 5.60 -6.07 -1.05
N HIS A 112 6.49 -5.94 -0.07
CA HIS A 112 6.15 -5.70 1.33
C HIS A 112 7.21 -4.83 1.95
N LEU A 113 6.83 -4.12 3.00
CA LEU A 113 7.76 -3.41 3.85
C LEU A 113 7.71 -3.98 5.27
N THR A 114 8.86 -3.97 5.95
CA THR A 114 8.92 -4.35 7.36
C THR A 114 9.69 -3.29 8.14
N MET A 115 9.13 -2.89 9.30
CA MET A 115 9.77 -1.94 10.19
C MET A 115 10.46 -2.68 11.32
N PRO A 116 11.72 -2.38 11.60
CA PRO A 116 12.39 -2.92 12.77
C PRO A 116 12.15 -2.06 14.00
N TYR A 117 12.09 -2.75 15.16
CA TYR A 117 12.02 -2.12 16.47
C TYR A 117 13.17 -2.65 17.32
N VAL A 118 13.91 -1.75 17.94
CA VAL A 118 15.12 -2.14 18.65
C VAL A 118 14.91 -1.96 20.15
N MET A 119 15.39 -2.92 20.94
CA MET A 119 15.50 -2.77 22.37
C MET A 119 16.94 -3.11 22.76
N PRO A 120 17.49 -2.51 23.84
CA PRO A 120 16.82 -1.55 24.71
C PRO A 120 16.73 -0.16 24.12
N GLY A 121 16.15 0.74 24.89
CA GLY A 121 15.89 2.09 24.40
C GLY A 121 17.15 2.94 24.29
N ASP A 122 17.06 3.96 23.42
CA ASP A 122 18.18 4.85 23.18
C ASP A 122 18.54 5.62 24.46
N GLY A 123 19.82 5.60 24.80
CA GLY A 123 20.33 6.29 25.96
C GLY A 123 20.13 5.58 27.27
N GLU A 124 19.58 4.37 27.25
CA GLU A 124 19.33 3.65 28.49
C GLU A 124 20.60 3.07 29.07
N VAL A 125 20.59 2.88 30.39
CA VAL A 125 21.60 2.11 31.10
C VAL A 125 20.94 0.81 31.52
N VAL A 126 21.53 -0.30 31.10
CA VAL A 126 20.93 -1.62 31.31
C VAL A 126 21.95 -2.53 32.00
N GLY A 127 21.46 -3.68 32.48
CA GLY A 127 22.31 -4.63 33.15
C GLY A 127 23.14 -5.52 32.22
N VAL A 128 24.02 -6.33 32.84
CA VAL A 128 25.06 -7.07 32.14
C VAL A 128 24.49 -8.23 31.32
N GLY A 129 23.21 -8.53 31.48
CA GLY A 129 22.56 -9.56 30.70
C GLY A 129 21.72 -9.10 29.53
N GLU A 130 21.72 -7.81 29.20
CA GLU A 130 20.79 -7.30 28.20
C GLU A 130 21.29 -7.62 26.79
N PRO A 131 20.59 -8.43 26.02
CA PRO A 131 20.99 -8.60 24.61
C PRO A 131 20.50 -7.41 23.80
N VAL A 132 21.15 -7.20 22.65
CA VAL A 132 20.56 -6.35 21.63
C VAL A 132 19.40 -7.08 20.99
N ALA A 133 18.25 -6.42 20.84
CA ALA A 133 17.07 -7.06 20.27
C ALA A 133 16.57 -6.25 19.08
N ILE A 134 16.43 -6.89 17.92
CA ILE A 134 15.89 -6.26 16.72
C ILE A 134 14.68 -7.10 16.31
N ARG A 135 13.49 -6.53 16.48
CA ARG A 135 12.23 -7.21 16.20
C ARG A 135 11.60 -6.57 14.98
N PHE A 136 11.43 -7.35 13.93
CA PHE A 136 10.74 -6.88 12.73
C PHE A 136 9.26 -7.16 12.85
N ASP A 137 8.46 -6.30 12.22
CA ASP A 137 7.01 -6.48 12.29
C ASP A 137 6.47 -7.44 11.23
N GLU A 138 7.35 -8.10 10.47
CA GLU A 138 6.99 -9.13 9.52
C GLU A 138 8.03 -10.25 9.58
N ASN A 139 7.64 -11.44 9.16
CA ASN A 139 8.58 -12.55 9.06
C ASN A 139 9.67 -12.24 8.05
N ILE A 140 10.91 -12.58 8.41
CA ILE A 140 12.08 -12.29 7.59
C ILE A 140 12.49 -13.55 6.83
N ALA A 141 12.37 -13.50 5.51
CA ALA A 141 12.68 -14.67 4.69
C ALA A 141 14.17 -14.87 4.53
N ASP A 142 14.97 -13.80 4.50
CA ASP A 142 16.41 -13.86 4.34
C ASP A 142 17.05 -13.29 5.61
N ARG A 143 17.20 -14.16 6.62
CA ARG A 143 17.78 -13.73 7.90
C ARG A 143 19.21 -13.24 7.72
N GLY A 144 19.97 -13.83 6.81
CA GLY A 144 21.34 -13.39 6.61
C GLY A 144 21.41 -11.96 6.11
N ALA A 145 20.47 -11.57 5.23
CA ALA A 145 20.43 -10.19 4.76
C ALA A 145 20.15 -9.24 5.91
N ALA A 146 19.25 -9.63 6.80
CA ALA A 146 18.97 -8.81 7.97
C ALA A 146 20.20 -8.68 8.86
N GLU A 147 20.87 -9.79 9.16
CA GLU A 147 22.06 -9.73 10.00
C GLU A 147 23.11 -8.84 9.38
N LYS A 148 23.33 -8.98 8.05
CA LYS A 148 24.36 -8.17 7.39
C LYS A 148 24.06 -6.69 7.48
N ALA A 149 22.78 -6.32 7.57
CA ALA A 149 22.36 -4.93 7.60
C ALA A 149 22.40 -4.31 8.98
N ILE A 150 22.75 -5.09 10.01
CA ILE A 150 22.78 -4.62 11.39
C ILE A 150 24.23 -4.49 11.82
N LYS A 151 24.66 -3.28 12.17
CA LYS A 151 26.02 -3.00 12.56
C LYS A 151 26.05 -2.68 14.05
N ILE A 152 26.69 -3.55 14.84
CA ILE A 152 26.83 -3.38 16.28
C ILE A 152 28.25 -2.95 16.58
N THR A 153 28.41 -1.84 17.29
CA THR A 153 29.69 -1.34 17.75
C THR A 153 29.71 -1.50 19.26
N THR A 154 30.82 -2.03 19.78
CA THR A 154 31.01 -2.17 21.23
C THR A 154 32.32 -1.51 21.64
N ASN A 155 32.32 -0.93 22.84
CA ASN A 155 33.51 -0.27 23.37
C ASN A 155 33.50 -0.44 24.88
N PRO A 156 34.40 -1.24 25.45
CA PRO A 156 35.47 -1.97 24.75
C PRO A 156 34.90 -3.03 23.80
N PRO A 157 35.55 -3.22 22.66
CA PRO A 157 35.05 -4.21 21.71
C PRO A 157 35.04 -5.62 22.30
N VAL A 158 33.99 -6.36 21.98
CA VAL A 158 33.82 -7.72 22.43
C VAL A 158 33.15 -8.53 21.32
N GLU A 159 33.55 -9.79 21.20
CA GLU A 159 32.92 -10.69 20.25
C GLU A 159 31.47 -10.92 20.61
N GLY A 160 30.59 -10.91 19.61
CA GLY A 160 29.22 -11.31 19.80
C GLY A 160 28.69 -11.97 18.56
N ALA A 161 27.40 -12.35 18.61
CA ALA A 161 26.80 -13.08 17.50
C ALA A 161 25.30 -12.97 17.55
N PHE A 162 24.69 -13.18 16.38
CA PHE A 162 23.24 -13.13 16.19
C PHE A 162 22.60 -14.51 16.38
N TYR A 163 21.40 -14.51 16.96
CA TYR A 163 20.58 -15.71 17.07
C TYR A 163 19.12 -15.32 17.03
N TRP A 164 18.34 -16.02 16.22
CA TRP A 164 16.93 -15.72 16.03
C TRP A 164 16.07 -16.45 17.05
N LEU A 165 15.20 -15.71 17.75
CA LEU A 165 14.28 -16.33 18.70
C LEU A 165 13.01 -16.86 18.02
N ASN A 166 12.67 -16.34 16.86
CA ASN A 166 11.48 -16.67 16.09
C ASN A 166 11.69 -16.05 14.71
N ASN A 167 10.68 -16.07 13.87
CA ASN A 167 10.89 -15.61 12.50
C ASN A 167 10.98 -14.09 12.39
N ARG A 168 10.74 -13.35 13.47
CA ARG A 168 10.68 -11.89 13.43
C ARG A 168 11.73 -11.21 14.27
N GLU A 169 12.25 -11.86 15.30
CA GLU A 169 13.15 -11.22 16.25
C GLU A 169 14.51 -11.91 16.33
N VAL A 170 15.57 -11.11 16.14
CA VAL A 170 16.94 -11.57 16.26
C VAL A 170 17.59 -10.86 17.46
N ARG A 171 18.51 -11.56 18.10
CA ARG A 171 19.20 -11.10 19.29
C ARG A 171 20.70 -11.12 19.02
N TRP A 172 21.43 -10.19 19.61
CA TRP A 172 22.88 -10.19 19.55
C TRP A 172 23.44 -10.07 20.95
N ARG A 173 24.41 -10.91 21.29
CA ARG A 173 25.03 -10.82 22.61
C ARG A 173 26.42 -11.41 22.55
N PRO A 174 27.23 -11.13 23.56
CA PRO A 174 28.55 -11.78 23.70
C PRO A 174 28.43 -13.15 24.33
N GLU A 175 29.58 -13.81 24.42
CA GLU A 175 29.68 -15.12 25.06
C GLU A 175 29.28 -15.07 26.53
N HIS A 176 29.77 -14.08 27.25
CA HIS A 176 29.57 -13.91 28.68
C HIS A 176 28.82 -12.61 28.91
N PHE A 177 28.32 -12.45 30.13
CA PHE A 177 27.70 -11.19 30.50
C PHE A 177 28.61 -10.02 30.15
N TRP A 178 27.98 -8.91 29.81
CA TRP A 178 28.72 -7.71 29.44
C TRP A 178 29.59 -7.23 30.60
N LYS A 179 30.68 -6.58 30.25
CA LYS A 179 31.46 -5.82 31.22
C LYS A 179 30.79 -4.49 31.52
N PRO A 180 30.58 -4.15 32.79
CA PRO A 180 30.07 -2.83 33.15
C PRO A 180 30.88 -1.73 32.46
N GLY A 181 30.19 -0.68 32.05
CA GLY A 181 30.82 0.45 31.41
C GLY A 181 30.97 0.32 29.92
N THR A 182 30.46 -0.75 29.34
CA THR A 182 30.54 -0.92 27.89
C THR A 182 29.49 -0.09 27.17
N ALA A 183 29.92 0.60 26.12
CA ALA A 183 29.01 1.30 25.23
C ALA A 183 28.61 0.37 24.09
N VAL A 184 27.34 0.39 23.74
CA VAL A 184 26.80 -0.45 22.67
C VAL A 184 26.00 0.40 21.71
N ASP A 185 26.34 0.32 20.44
CA ASP A 185 25.69 1.09 19.40
C ASP A 185 25.09 0.12 18.40
N VAL A 186 23.86 0.37 18.00
CA VAL A 186 23.12 -0.51 17.12
C VAL A 186 22.58 0.30 15.95
N ALA A 187 23.07 0.01 14.74
CA ALA A 187 22.60 0.68 13.53
C ALA A 187 21.90 -0.37 12.68
N VAL A 188 20.60 -0.28 12.59
CA VAL A 188 19.81 -1.20 11.79
C VAL A 188 19.56 -0.51 10.45
N ASN A 189 20.38 -0.86 9.46
CA ASN A 189 20.41 -0.15 8.15
C ASN A 189 19.67 -0.97 7.09
N THR A 190 18.36 -1.07 7.31
CA THR A 190 17.49 -1.91 6.50
C THR A 190 16.76 -1.15 5.39
N TYR A 191 16.79 0.18 5.38
CA TYR A 191 16.14 0.90 4.29
C TYR A 191 16.84 0.56 2.99
N GLY A 192 16.06 0.18 1.98
CA GLY A 192 16.58 -0.21 0.69
C GLY A 192 17.16 -1.61 0.60
N VAL A 193 17.12 -2.39 1.68
CA VAL A 193 17.68 -3.73 1.71
C VAL A 193 16.56 -4.74 1.49
N ASP A 194 16.78 -5.65 0.53
CA ASP A 194 15.86 -6.75 0.27
C ASP A 194 16.09 -7.82 1.32
N LEU A 195 15.10 -8.02 2.17
CA LEU A 195 15.16 -8.99 3.25
C LEU A 195 14.51 -10.32 2.84
N GLY A 196 14.34 -10.54 1.55
CA GLY A 196 13.86 -11.80 1.03
C GLY A 196 12.41 -11.71 0.58
N GLU A 197 12.13 -12.37 -0.56
CA GLU A 197 10.77 -12.47 -1.12
C GLU A 197 10.16 -11.09 -1.34
N GLY A 198 10.99 -10.13 -1.72
CA GLY A 198 10.51 -8.81 -2.03
C GLY A 198 10.14 -7.96 -0.85
N MET A 199 10.51 -8.37 0.36
CA MET A 199 10.25 -7.59 1.55
C MET A 199 11.46 -6.69 1.78
N PHE A 200 11.23 -5.39 1.81
CA PHE A 200 12.27 -4.41 2.02
C PHE A 200 12.08 -3.67 3.33
N GLY A 201 13.17 -3.10 3.85
CA GLY A 201 13.11 -2.34 5.08
C GLY A 201 12.31 -1.06 4.93
N GLU A 202 11.43 -0.79 5.90
CA GLU A 202 10.64 0.44 5.86
C GLU A 202 11.47 1.68 6.18
N ASP A 203 12.48 1.53 7.03
CA ASP A 203 13.33 2.64 7.45
C ASP A 203 14.53 2.06 8.18
N ASN A 204 15.48 2.92 8.47
CA ASN A 204 16.61 2.61 9.33
C ASN A 204 16.22 2.92 10.75
N VAL A 205 16.91 2.28 11.68
CA VAL A 205 16.79 2.66 13.09
C VAL A 205 18.18 2.66 13.71
N GLN A 206 18.40 3.56 14.67
CA GLN A 206 19.71 3.77 15.27
C GLN A 206 19.52 4.01 16.76
N THR A 207 20.09 3.13 17.60
CA THR A 207 19.96 3.25 19.06
C THR A 207 21.31 3.00 19.72
N HIS A 208 21.44 3.50 20.96
CA HIS A 208 22.67 3.39 21.71
C HIS A 208 22.36 3.17 23.18
N PHE A 209 23.10 2.30 23.84
CA PHE A 209 22.90 2.07 25.27
C PHE A 209 24.23 1.77 25.93
N THR A 210 24.20 1.72 27.27
CA THR A 210 25.38 1.49 28.08
C THR A 210 25.09 0.46 29.15
N ILE A 211 26.09 -0.32 29.46
CA ILE A 211 25.98 -1.32 30.52
C ILE A 211 26.36 -0.71 31.85
N GLY A 212 25.50 -0.88 32.84
CA GLY A 212 25.77 -0.42 34.20
C GLY A 212 26.34 -1.50 35.11
N ASP A 213 26.01 -1.38 36.40
CA ASP A 213 26.55 -2.28 37.40
C ASP A 213 26.13 -3.72 37.12
N GLU A 214 26.97 -4.64 37.57
CA GLU A 214 26.65 -6.06 37.55
C GLU A 214 25.72 -6.40 38.72
N VAL A 215 24.51 -6.83 38.40
CA VAL A 215 23.50 -7.17 39.39
C VAL A 215 22.97 -8.55 39.03
N ILE A 216 23.21 -9.51 39.91
CA ILE A 216 22.86 -10.91 39.69
C ILE A 216 22.18 -11.38 40.96
N ALA A 217 20.92 -11.80 40.83
CA ALA A 217 20.14 -12.30 41.96
C ALA A 217 19.92 -13.78 41.79
N THR A 218 20.25 -14.57 42.80
CA THR A 218 20.16 -16.02 42.73
C THR A 218 19.06 -16.50 43.67
N ALA A 219 18.08 -17.21 43.12
CA ALA A 219 17.04 -17.87 43.88
C ALA A 219 17.41 -19.34 43.99
N ASP A 220 17.73 -19.80 45.19
CA ASP A 220 18.13 -21.19 45.44
C ASP A 220 16.98 -21.93 46.11
N ASP A 221 16.42 -22.93 45.42
CA ASP A 221 15.28 -23.66 45.99
C ASP A 221 15.67 -24.40 47.27
N ASN A 222 16.94 -24.74 47.43
CA ASN A 222 17.36 -25.44 48.66
C ASN A 222 17.18 -24.57 49.89
N THR A 223 17.31 -23.25 49.76
CA THR A 223 17.23 -22.32 50.88
C THR A 223 16.01 -21.43 50.85
N LYS A 224 15.33 -21.34 49.69
CA LYS A 224 14.19 -20.45 49.49
C LYS A 224 14.55 -19.00 49.81
N ILE A 225 15.79 -18.62 49.43
CA ILE A 225 16.26 -17.25 49.51
C ILE A 225 16.67 -16.77 48.12
N LEU A 226 16.25 -15.55 47.80
CA LEU A 226 16.68 -14.82 46.60
C LEU A 226 17.73 -13.81 47.06
N THR A 227 18.99 -14.07 46.73
CA THR A 227 20.11 -13.23 47.15
C THR A 227 20.54 -12.30 46.00
N VAL A 228 20.53 -11.00 46.27
CA VAL A 228 20.90 -10.00 45.29
C VAL A 228 22.35 -9.59 45.53
N ARG A 229 23.20 -9.78 44.51
CA ARG A 229 24.60 -9.37 44.52
C ARG A 229 24.85 -8.26 43.50
N VAL A 230 25.51 -7.20 43.96
CA VAL A 230 25.86 -6.05 43.17
C VAL A 230 27.38 -6.00 43.10
N ASN A 231 27.92 -6.10 41.89
CA ASN A 231 29.37 -6.24 41.67
C ASN A 231 30.00 -7.21 42.67
N GLY A 232 29.34 -8.36 42.83
CA GLY A 232 29.84 -9.45 43.62
C GLY A 232 29.47 -9.42 45.09
N GLU A 233 28.95 -8.32 45.61
CA GLU A 233 28.66 -8.22 47.04
C GLU A 233 27.19 -8.49 47.31
N VAL A 234 26.93 -9.28 48.35
CA VAL A 234 25.55 -9.47 48.79
C VAL A 234 25.02 -8.17 49.38
N VAL A 235 23.90 -7.68 48.85
CA VAL A 235 23.25 -6.49 49.37
C VAL A 235 21.83 -6.74 49.87
N LYS A 236 21.23 -7.87 49.54
CA LYS A 236 19.87 -8.16 49.98
C LYS A 236 19.65 -9.67 49.93
N SER A 237 18.91 -10.19 50.93
CA SER A 237 18.59 -11.60 51.02
C SER A 237 17.09 -11.72 51.28
N MET A 238 16.34 -12.15 50.27
CA MET A 238 14.88 -12.09 50.30
C MET A 238 14.27 -13.47 50.44
N PRO A 239 13.56 -13.79 51.52
CA PRO A 239 12.82 -15.05 51.54
C PRO A 239 11.83 -15.09 50.39
N THR A 240 11.73 -16.24 49.73
CA THR A 240 10.84 -16.36 48.59
C THR A 240 10.05 -17.67 48.65
N SER A 241 8.89 -17.62 48.00
CA SER A 241 8.08 -18.79 47.67
C SER A 241 7.99 -18.86 46.15
N MET A 242 8.52 -19.93 45.57
CA MET A 242 8.52 -20.14 44.13
C MET A 242 7.39 -21.09 43.77
N GLY A 243 7.42 -21.60 42.54
CA GLY A 243 6.32 -22.43 42.06
C GLY A 243 6.23 -23.74 42.82
N LYS A 244 4.99 -24.08 43.20
CA LYS A 244 4.75 -25.38 43.79
C LYS A 244 5.14 -26.51 42.82
N ASP A 245 5.22 -27.73 43.36
CA ASP A 245 5.71 -28.84 42.56
C ASP A 245 4.90 -29.04 41.28
N SER A 246 3.62 -28.68 41.28
CA SER A 246 2.76 -28.91 40.11
C SER A 246 2.92 -27.82 39.05
N THR A 247 3.46 -26.67 39.42
CA THR A 247 3.63 -25.53 38.52
C THR A 247 4.95 -24.88 38.94
N PRO A 248 6.06 -25.60 38.77
CA PRO A 248 7.32 -25.17 39.34
C PRO A 248 7.98 -24.05 38.54
N THR A 249 8.93 -23.41 39.20
CA THR A 249 9.76 -22.40 38.56
C THR A 249 10.91 -23.08 37.85
N ALA A 250 11.09 -22.78 36.56
CA ALA A 250 12.20 -23.38 35.85
C ALA A 250 13.53 -22.86 36.35
N ASN A 251 14.53 -23.74 36.39
CA ASN A 251 15.89 -23.32 36.65
C ASN A 251 16.45 -22.58 35.44
N GLY A 252 17.48 -21.80 35.68
CA GLY A 252 18.27 -21.20 34.63
C GLY A 252 18.45 -19.72 34.81
N ILE A 253 18.92 -19.08 33.73
CA ILE A 253 19.27 -17.68 33.73
C ILE A 253 18.12 -16.88 33.11
N TYR A 254 17.63 -15.91 33.84
CA TYR A 254 16.54 -15.04 33.41
C TYR A 254 17.08 -13.61 33.28
N ILE A 255 16.69 -12.94 32.20
CA ILE A 255 17.01 -11.51 32.02
C ILE A 255 15.87 -10.68 32.60
N VAL A 256 16.20 -9.70 33.44
CA VAL A 256 15.17 -8.78 33.94
C VAL A 256 14.61 -7.94 32.79
N GLY A 257 13.27 -7.87 32.72
CA GLY A 257 12.59 -7.08 31.73
C GLY A 257 11.95 -5.83 32.31
N SER A 258 10.65 -5.66 32.06
CA SER A 258 9.91 -4.51 32.54
C SER A 258 9.54 -4.61 34.01
N ARG A 259 9.28 -3.43 34.61
CA ARG A 259 8.84 -3.37 35.99
C ARG A 259 7.56 -2.55 36.09
N TYR A 260 6.74 -2.87 37.11
CA TYR A 260 5.41 -2.30 37.29
C TYR A 260 5.17 -2.00 38.76
N LYS A 261 4.73 -0.78 39.08
CA LYS A 261 4.30 -0.52 40.45
C LYS A 261 3.14 -1.42 40.82
N HIS A 262 2.26 -1.72 39.85
CA HIS A 262 1.19 -2.68 40.02
C HIS A 262 0.81 -3.18 38.64
N ILE A 263 0.34 -4.42 38.59
CA ILE A 263 -0.06 -5.02 37.31
C ILE A 263 -1.05 -6.13 37.59
N ILE A 264 -2.02 -6.29 36.70
CA ILE A 264 -2.93 -7.42 36.72
C ILE A 264 -2.25 -8.54 35.93
N MET A 265 -1.79 -9.57 36.63
CA MET A 265 -1.21 -10.75 35.99
C MET A 265 -2.36 -11.63 35.52
N ASP A 266 -2.47 -11.80 34.21
CA ASP A 266 -3.59 -12.51 33.58
C ASP A 266 -2.99 -13.71 32.87
N SER A 267 -3.24 -14.91 33.38
CA SER A 267 -2.60 -16.10 32.82
C SER A 267 -2.93 -16.28 31.34
N SER A 268 -4.07 -15.74 30.88
CA SER A 268 -4.40 -15.85 29.46
C SER A 268 -3.37 -15.12 28.60
N THR A 269 -2.71 -14.10 29.17
CA THR A 269 -1.61 -13.46 28.47
C THR A 269 -0.46 -14.42 28.17
N TYR A 270 -0.30 -15.46 28.99
CA TYR A 270 0.81 -16.39 28.88
C TYR A 270 0.34 -17.78 28.44
N GLY A 271 -0.82 -17.86 27.80
CA GLY A 271 -1.27 -19.09 27.16
C GLY A 271 -2.10 -20.03 28.02
N VAL A 272 -2.57 -19.60 29.19
CA VAL A 272 -3.25 -20.45 30.13
C VAL A 272 -4.62 -19.83 30.47
N PRO A 273 -5.73 -20.47 30.14
CA PRO A 273 -7.03 -19.86 30.45
C PRO A 273 -7.20 -19.62 31.94
N VAL A 274 -7.72 -18.43 32.27
CA VAL A 274 -7.90 -18.06 33.67
C VAL A 274 -8.72 -19.11 34.41
N ASN A 275 -9.82 -19.55 33.81
CA ASN A 275 -10.75 -20.49 34.42
C ASN A 275 -10.24 -21.94 34.40
N SER A 276 -9.02 -22.19 33.94
CA SER A 276 -8.45 -23.53 33.89
C SER A 276 -7.74 -23.85 35.19
N PRO A 277 -7.33 -25.10 35.38
CA PRO A 277 -6.80 -25.50 36.70
C PRO A 277 -5.61 -24.65 37.16
N ASN A 278 -4.74 -24.25 36.24
CA ASN A 278 -3.56 -23.46 36.58
C ASN A 278 -3.69 -21.99 36.20
N GLY A 279 -4.90 -21.55 35.87
CA GLY A 279 -5.09 -20.16 35.50
C GLY A 279 -5.28 -19.27 36.69
N TYR A 280 -5.14 -17.96 36.43
CA TYR A 280 -5.22 -16.94 37.47
C TYR A 280 -5.41 -15.59 36.80
N ARG A 281 -6.01 -14.66 37.55
CA ARG A 281 -6.06 -13.24 37.17
C ARG A 281 -5.93 -12.51 38.50
N THR A 282 -4.74 -11.97 38.77
CA THR A 282 -4.39 -11.40 40.08
C THR A 282 -3.72 -10.05 39.94
N ASP A 283 -4.19 -9.09 40.73
CA ASP A 283 -3.58 -7.77 40.81
C ASP A 283 -2.45 -7.82 41.85
N VAL A 284 -1.22 -7.52 41.42
CA VAL A 284 -0.08 -7.56 42.34
C VAL A 284 0.67 -6.23 42.29
N ASP A 285 1.37 -5.93 43.38
CA ASP A 285 2.24 -4.76 43.44
C ASP A 285 3.70 -5.12 43.21
N TRP A 286 4.45 -4.12 42.76
CA TRP A 286 5.91 -4.12 42.73
C TRP A 286 6.41 -5.36 41.98
N ALA A 287 6.06 -5.42 40.70
CA ALA A 287 6.26 -6.63 39.89
C ALA A 287 7.34 -6.38 38.86
N THR A 288 8.35 -7.25 38.85
CA THR A 288 9.45 -7.20 37.90
C THR A 288 9.39 -8.44 37.02
N GLN A 289 9.24 -8.24 35.71
CA GLN A 289 9.12 -9.34 34.77
C GLN A 289 10.48 -9.98 34.54
N ILE A 290 10.55 -11.31 34.59
CA ILE A 290 11.81 -11.96 34.27
C ILE A 290 11.69 -13.08 33.24
N SER A 291 10.48 -13.42 32.79
CA SER A 291 10.34 -14.24 31.60
C SER A 291 9.11 -13.86 30.79
N TYR A 292 9.19 -14.10 29.47
CA TYR A 292 8.00 -13.88 28.65
C TYR A 292 6.91 -14.89 28.97
N SER A 293 7.28 -16.04 29.53
CA SER A 293 6.33 -17.05 29.97
C SER A 293 5.55 -16.61 31.19
N GLY A 294 5.88 -15.47 31.79
CA GLY A 294 5.08 -14.88 32.82
C GLY A 294 5.60 -14.99 34.22
N VAL A 295 6.88 -15.29 34.40
CA VAL A 295 7.48 -15.27 35.73
C VAL A 295 7.83 -13.83 36.10
N PHE A 296 7.38 -13.43 37.27
CA PHE A 296 7.70 -12.14 37.87
C PHE A 296 8.25 -12.37 39.28
N VAL A 297 9.08 -11.43 39.72
CA VAL A 297 9.32 -11.20 41.14
C VAL A 297 8.29 -10.15 41.58
N HIS A 298 7.49 -10.45 42.61
CA HIS A 298 6.46 -9.49 42.96
C HIS A 298 6.06 -9.63 44.43
N SER A 299 5.31 -8.64 44.88
CA SER A 299 4.80 -8.59 46.24
C SER A 299 3.73 -9.65 46.42
N ALA A 300 3.86 -10.48 47.45
CA ALA A 300 2.92 -11.57 47.73
C ALA A 300 2.57 -11.57 49.21
N PRO A 301 1.77 -10.60 49.66
CA PRO A 301 1.43 -10.56 51.09
C PRO A 301 0.72 -11.82 51.56
N TRP A 302 0.02 -12.52 50.67
CA TRP A 302 -0.71 -13.71 51.08
C TRP A 302 0.19 -14.90 51.41
N SER A 303 1.45 -14.88 50.97
CA SER A 303 2.34 -16.03 51.14
C SER A 303 3.55 -15.71 52.00
N VAL A 304 3.53 -14.59 52.73
CA VAL A 304 4.70 -14.23 53.54
C VAL A 304 5.04 -15.34 54.52
N GLY A 305 4.03 -16.05 55.04
CA GLY A 305 4.30 -17.16 55.93
C GLY A 305 5.14 -18.25 55.30
N ALA A 306 4.94 -18.51 54.00
CA ALA A 306 5.62 -19.57 53.27
C ALA A 306 6.96 -19.15 52.67
N GLN A 307 7.15 -17.86 52.45
CA GLN A 307 8.40 -17.34 51.92
C GLN A 307 9.56 -17.72 52.82
N GLY A 308 10.59 -18.32 52.22
CA GLY A 308 11.71 -18.86 52.94
C GLY A 308 11.48 -20.26 53.47
N HIS A 309 10.33 -20.87 53.16
CA HIS A 309 9.95 -22.17 53.73
C HIS A 309 9.39 -23.14 52.71
N THR A 310 8.35 -22.75 51.98
CA THR A 310 7.72 -23.67 51.05
C THR A 310 7.24 -22.92 49.80
N ASN A 311 7.17 -23.65 48.70
CA ASN A 311 6.75 -23.10 47.41
C ASN A 311 5.23 -23.20 47.26
N THR A 312 4.61 -22.10 46.86
CA THR A 312 3.17 -22.02 46.76
C THR A 312 2.65 -21.42 45.47
N SER A 313 3.51 -20.90 44.59
CA SER A 313 3.02 -20.06 43.52
C SER A 313 2.80 -20.87 42.25
N HIS A 314 2.37 -20.16 41.21
CA HIS A 314 2.27 -20.69 39.86
C HIS A 314 3.59 -20.65 39.11
N GLY A 315 4.66 -20.15 39.72
CA GLY A 315 5.95 -20.05 39.07
C GLY A 315 6.65 -18.76 39.40
N CYS A 316 5.86 -17.74 39.77
CA CYS A 316 6.40 -16.46 40.18
C CYS A 316 7.25 -16.60 41.43
N LEU A 317 8.19 -15.67 41.58
CA LEU A 317 9.02 -15.55 42.79
C LEU A 317 8.28 -14.59 43.73
N ASN A 318 7.48 -15.17 44.61
CA ASN A 318 6.81 -14.42 45.66
C ASN A 318 7.83 -13.91 46.68
N VAL A 319 7.78 -12.63 46.99
CA VAL A 319 8.55 -12.03 48.08
C VAL A 319 7.66 -11.08 48.86
N SER A 320 8.20 -10.54 49.93
CA SER A 320 7.41 -9.62 50.73
C SER A 320 7.19 -8.29 50.02
N PRO A 321 6.17 -7.54 50.45
CA PRO A 321 5.97 -6.20 49.88
C PRO A 321 7.21 -5.34 49.91
N SER A 322 7.92 -5.30 51.04
CA SER A 322 9.08 -4.42 51.08
C SER A 322 10.19 -4.92 50.19
N ASN A 323 10.39 -6.25 50.11
CA ASN A 323 11.42 -6.80 49.25
C ASN A 323 11.08 -6.65 47.76
N ALA A 324 9.79 -6.76 47.39
CA ALA A 324 9.41 -6.52 46.00
C ALA A 324 9.64 -5.07 45.60
N GLN A 325 9.28 -4.12 46.48
CA GLN A 325 9.55 -2.73 46.21
C GLN A 325 11.05 -2.50 46.11
N TRP A 326 11.82 -3.11 47.01
CA TRP A 326 13.28 -2.96 46.93
C TRP A 326 13.79 -3.44 45.58
N PHE A 327 13.30 -4.61 45.14
CA PHE A 327 13.69 -5.15 43.84
C PHE A 327 13.30 -4.20 42.71
N TYR A 328 12.07 -3.68 42.74
CA TYR A 328 11.64 -2.68 41.77
C TYR A 328 12.59 -1.48 41.73
N ASP A 329 12.99 -1.00 42.91
CA ASP A 329 13.81 0.20 42.98
C ASP A 329 15.27 -0.03 42.59
N HIS A 330 15.82 -1.23 42.83
CA HIS A 330 17.26 -1.44 42.73
C HIS A 330 17.70 -2.33 41.58
N VAL A 331 16.78 -3.00 40.90
CA VAL A 331 17.10 -3.86 39.77
C VAL A 331 16.57 -3.22 38.50
N LYS A 332 17.33 -3.31 37.41
CA LYS A 332 17.00 -2.64 36.17
C LYS A 332 16.93 -3.66 35.05
N ARG A 333 16.31 -3.23 33.94
CA ARG A 333 16.29 -4.03 32.72
C ARG A 333 17.70 -4.54 32.39
N GLY A 334 17.81 -5.83 32.10
CA GLY A 334 19.10 -6.42 31.77
C GLY A 334 19.89 -6.99 32.93
N ASP A 335 19.50 -6.71 34.17
CA ASP A 335 20.06 -7.44 35.30
C ASP A 335 19.64 -8.90 35.20
N ILE A 336 20.24 -9.75 36.04
CA ILE A 336 20.09 -11.20 35.92
C ILE A 336 19.48 -11.79 37.19
N VAL A 337 18.54 -12.72 36.98
CA VAL A 337 18.07 -13.63 38.02
C VAL A 337 18.43 -15.04 37.60
N GLU A 338 19.14 -15.77 38.46
CA GLU A 338 19.47 -17.18 38.22
C GLU A 338 18.69 -18.01 39.23
N VAL A 339 17.93 -18.97 38.73
CA VAL A 339 17.19 -19.92 39.56
C VAL A 339 17.92 -21.25 39.55
N VAL A 340 18.09 -21.86 40.72
CA VAL A 340 18.83 -23.11 40.83
C VAL A 340 18.11 -24.04 41.79
N ASN A 341 18.22 -25.33 41.50
CA ASN A 341 17.85 -26.43 42.40
C ASN A 341 16.35 -26.64 42.56
N THR A 342 15.53 -26.10 41.65
CA THR A 342 14.11 -26.39 41.70
C THR A 342 13.83 -27.75 41.05
N VAL A 343 12.59 -28.22 41.24
CA VAL A 343 12.15 -29.44 40.57
C VAL A 343 11.69 -29.19 39.16
N GLY A 344 11.83 -27.97 38.66
CA GLY A 344 11.48 -27.69 37.29
C GLY A 344 12.58 -28.08 36.33
N GLY A 345 12.29 -27.84 35.06
CA GLY A 345 13.28 -27.99 34.01
C GLY A 345 14.13 -26.74 33.90
N THR A 346 14.56 -26.44 32.68
CA THR A 346 15.35 -25.26 32.40
C THR A 346 14.55 -24.31 31.54
N LEU A 347 14.66 -23.03 31.83
CA LEU A 347 13.95 -22.03 31.05
C LEU A 347 14.36 -22.15 29.58
N PRO A 348 13.42 -22.16 28.64
CA PRO A 348 13.80 -22.23 27.22
C PRO A 348 14.67 -21.05 26.79
N GLY A 349 15.68 -21.36 25.99
CA GLY A 349 16.55 -20.31 25.47
C GLY A 349 15.83 -19.28 24.61
N ILE A 350 14.73 -19.67 23.97
CA ILE A 350 13.95 -18.79 23.10
C ILE A 350 12.71 -18.22 23.82
N ASP A 351 12.70 -18.21 25.15
CA ASP A 351 11.57 -17.65 25.88
C ASP A 351 11.28 -16.21 25.48
N GLY A 352 12.32 -15.41 25.30
CA GLY A 352 12.24 -13.97 25.20
C GLY A 352 13.21 -13.30 26.17
N LEU A 353 13.35 -13.89 27.34
CA LEU A 353 14.33 -13.43 28.33
C LEU A 353 15.24 -14.58 28.77
N GLY A 354 15.29 -15.64 27.97
CA GLY A 354 16.06 -16.81 28.32
C GLY A 354 17.34 -17.03 27.53
N ASP A 355 17.80 -15.97 26.88
CA ASP A 355 18.86 -16.08 25.87
C ASP A 355 20.13 -16.75 26.39
N TRP A 356 20.47 -16.53 27.65
CA TRP A 356 21.75 -17.01 28.19
C TRP A 356 21.73 -18.51 28.46
N ASN A 357 20.59 -19.15 28.35
CA ASN A 357 20.52 -20.60 28.52
C ASN A 357 20.92 -21.36 27.27
N ILE A 358 21.10 -20.69 26.14
CA ILE A 358 21.58 -21.31 24.90
C ILE A 358 23.10 -21.39 25.02
N PRO A 359 23.71 -22.58 24.87
CA PRO A 359 25.17 -22.65 24.91
C PRO A 359 25.81 -21.77 23.86
N TRP A 360 26.96 -21.19 24.23
CA TRP A 360 27.61 -20.24 23.33
C TRP A 360 27.94 -20.86 21.98
N ASP A 361 28.43 -22.10 21.93
CA ASP A 361 28.75 -22.69 20.63
C ASP A 361 27.53 -22.72 19.72
N GLN A 362 26.34 -22.95 20.28
CA GLN A 362 25.12 -22.99 19.51
C GLN A 362 24.67 -21.58 19.14
N TRP A 363 24.74 -20.65 20.09
CA TRP A 363 24.36 -19.29 19.79
C TRP A 363 25.25 -18.72 18.69
N ARG A 364 26.56 -18.85 18.87
CA ARG A 364 27.52 -18.30 17.91
C ARG A 364 27.32 -18.88 16.53
N ALA A 365 27.03 -20.17 16.44
CA ALA A 365 26.77 -20.76 15.13
C ALA A 365 25.55 -20.15 14.46
N GLY A 366 24.56 -19.73 15.25
CA GLY A 366 23.43 -19.01 14.73
C GLY A 366 22.41 -19.91 14.08
N ASN A 367 21.39 -19.29 13.49
CA ASN A 367 20.32 -20.03 12.83
C ASN A 367 19.75 -19.21 11.68
N ALA A 368 20.62 -18.48 10.99
CA ALA A 368 20.21 -17.65 9.87
C ALA A 368 19.76 -18.46 8.67
N LYS A 369 20.18 -19.72 8.56
CA LYS A 369 19.72 -20.53 7.42
C LYS A 369 18.50 -21.38 7.73
N LEU B 19 -40.51 -0.99 -69.29
CA LEU B 19 -40.40 0.41 -69.72
C LEU B 19 -39.37 1.28 -69.06
N LEU B 20 -39.36 1.26 -67.75
CA LEU B 20 -38.46 2.14 -67.02
C LEU B 20 -37.05 1.56 -66.89
N VAL B 21 -36.05 2.43 -67.06
CA VAL B 21 -34.61 2.09 -66.93
C VAL B 21 -34.35 2.03 -65.42
N PRO B 22 -33.62 1.05 -64.81
CA PRO B 22 -33.30 1.06 -63.35
C PRO B 22 -32.42 2.25 -63.01
N LYS B 23 -32.52 2.70 -61.76
CA LYS B 23 -31.71 3.80 -61.25
C LYS B 23 -31.03 3.35 -59.99
N LEU B 24 -29.84 3.86 -59.78
CA LEU B 24 -28.97 3.48 -58.69
C LEU B 24 -28.75 4.68 -57.79
N THR B 25 -28.99 4.48 -56.50
CA THR B 25 -28.84 5.51 -55.49
C THR B 25 -27.90 4.97 -54.43
N ALA B 26 -26.88 5.74 -54.09
CA ALA B 26 -25.95 5.33 -53.05
C ALA B 26 -26.02 6.29 -51.86
N SER B 27 -25.51 5.81 -50.73
CA SER B 27 -25.43 6.61 -49.51
C SER B 27 -24.22 7.56 -49.51
N VAL B 28 -23.41 7.46 -50.55
CA VAL B 28 -22.31 8.35 -50.84
C VAL B 28 -22.53 8.84 -52.25
N THR B 29 -21.74 9.83 -52.66
CA THR B 29 -21.81 10.32 -54.02
C THR B 29 -20.41 10.36 -54.62
N ASP B 30 -20.37 10.28 -55.96
CA ASP B 30 -19.10 10.29 -56.67
C ASP B 30 -18.37 11.60 -56.40
N GLY B 31 -17.09 11.49 -56.12
CA GLY B 31 -16.23 12.61 -55.81
C GLY B 31 -16.33 13.10 -54.38
N ALA B 32 -17.10 12.43 -53.53
CA ALA B 32 -17.22 12.89 -52.15
C ALA B 32 -15.90 12.74 -51.42
N VAL B 33 -15.67 13.65 -50.47
CA VAL B 33 -14.52 13.56 -49.58
C VAL B 33 -15.00 13.74 -48.16
N GLY B 34 -14.16 13.36 -47.22
CA GLY B 34 -14.52 13.41 -45.82
C GLY B 34 -15.65 12.48 -45.43
N VAL B 35 -15.85 11.40 -46.17
CA VAL B 35 -16.91 10.46 -45.83
C VAL B 35 -16.57 9.79 -44.49
N THR B 36 -17.51 9.86 -43.56
CA THR B 36 -17.23 9.30 -42.25
C THR B 36 -17.49 7.79 -42.24
N VAL B 37 -16.66 7.09 -41.45
CA VAL B 37 -16.67 5.65 -41.41
C VAL B 37 -17.42 5.12 -40.18
N ASP B 38 -18.28 5.94 -39.58
CA ASP B 38 -19.14 5.49 -38.49
C ASP B 38 -20.38 4.77 -38.99
N ALA B 39 -20.59 4.68 -40.28
CA ALA B 39 -21.77 4.03 -40.81
C ALA B 39 -21.41 3.22 -42.05
N PRO B 40 -22.19 2.21 -42.38
CA PRO B 40 -21.94 1.45 -43.62
C PRO B 40 -22.27 2.29 -44.84
N VAL B 41 -21.78 1.84 -45.98
CA VAL B 41 -22.10 2.44 -47.27
C VAL B 41 -23.09 1.51 -47.95
N SER B 42 -24.16 2.09 -48.51
CA SER B 42 -25.22 1.31 -49.13
C SER B 42 -25.54 1.81 -50.54
N VAL B 43 -26.14 0.92 -51.32
CA VAL B 43 -26.63 1.21 -52.66
C VAL B 43 -28.01 0.59 -52.77
N THR B 44 -28.91 1.29 -53.44
CA THR B 44 -30.29 0.86 -53.59
C THR B 44 -30.68 0.98 -55.05
N ALA B 45 -31.45 0.03 -55.54
CA ALA B 45 -31.98 0.10 -56.90
C ALA B 45 -33.46 0.44 -56.86
N ALA B 46 -33.87 1.27 -57.82
CA ALA B 46 -35.28 1.54 -58.10
C ALA B 46 -35.59 1.08 -59.52
N ASP B 47 -36.80 0.56 -59.72
CA ASP B 47 -37.28 0.17 -61.07
C ASP B 47 -36.40 -0.93 -61.65
N GLY B 48 -35.97 -1.82 -60.77
CA GLY B 48 -34.99 -2.83 -61.11
C GLY B 48 -34.42 -3.42 -59.85
N VAL B 49 -33.45 -4.30 -60.05
CA VAL B 49 -32.77 -4.99 -58.97
C VAL B 49 -31.28 -4.86 -59.18
N LEU B 50 -30.54 -4.95 -58.09
CA LEU B 50 -29.09 -4.90 -58.15
C LEU B 50 -28.58 -6.25 -58.66
N ALA B 51 -27.87 -6.25 -59.78
CA ALA B 51 -27.28 -7.49 -60.27
C ALA B 51 -25.94 -7.73 -59.59
N ALA B 52 -25.10 -6.70 -59.52
CA ALA B 52 -23.84 -6.88 -58.82
C ALA B 52 -23.37 -5.55 -58.28
N VAL B 53 -22.68 -5.61 -57.13
CA VAL B 53 -22.09 -4.45 -56.50
C VAL B 53 -20.74 -4.86 -55.95
N THR B 54 -19.69 -4.12 -56.30
CA THR B 54 -18.37 -4.33 -55.74
C THR B 54 -17.86 -3.02 -55.18
N MET B 55 -17.06 -3.10 -54.13
CA MET B 55 -16.42 -1.92 -53.60
C MET B 55 -14.99 -2.32 -53.29
N VAL B 56 -14.03 -1.54 -53.80
CA VAL B 56 -12.62 -1.85 -53.59
C VAL B 56 -11.91 -0.63 -53.00
N ASN B 57 -10.85 -0.89 -52.24
CA ASN B 57 -10.04 0.24 -51.80
C ASN B 57 -8.98 0.64 -52.83
N ASP B 58 -8.10 1.61 -52.49
CA ASP B 58 -7.22 2.16 -53.52
C ASP B 58 -6.28 1.09 -54.03
N ASN B 59 -6.00 0.08 -53.22
CA ASN B 59 -5.11 -1.01 -53.60
C ASN B 59 -5.83 -2.17 -54.33
N GLY B 60 -7.10 -2.01 -54.68
CA GLY B 60 -7.86 -3.05 -55.35
C GLY B 60 -8.47 -4.10 -54.46
N ARG B 61 -8.27 -4.02 -53.16
CA ARG B 61 -8.77 -5.03 -52.23
C ARG B 61 -10.27 -4.89 -52.02
N PRO B 62 -11.04 -5.96 -52.19
CA PRO B 62 -12.49 -5.85 -52.03
C PRO B 62 -12.94 -5.63 -50.60
N VAL B 63 -14.06 -4.92 -50.47
CA VAL B 63 -14.71 -4.67 -49.20
C VAL B 63 -15.90 -5.63 -49.09
N ALA B 64 -16.06 -6.26 -47.92
CA ALA B 64 -17.15 -7.20 -47.74
C ALA B 64 -18.49 -6.47 -47.73
N GLY B 65 -19.48 -7.05 -48.40
CA GLY B 65 -20.82 -6.50 -48.37
C GLY B 65 -21.85 -7.58 -48.64
N ARG B 66 -23.12 -7.19 -48.61
CA ARG B 66 -24.21 -8.15 -48.67
C ARG B 66 -25.40 -7.52 -49.38
N LEU B 67 -25.94 -8.26 -50.35
CA LEU B 67 -27.16 -7.88 -51.05
C LEU B 67 -28.38 -8.44 -50.36
N SER B 68 -29.42 -7.62 -50.25
CA SER B 68 -30.67 -8.07 -49.64
C SER B 68 -31.31 -9.16 -50.50
N PRO B 69 -32.05 -10.09 -49.87
CA PRO B 69 -32.65 -11.18 -50.69
C PRO B 69 -33.51 -10.68 -51.84
N ASP B 70 -34.23 -9.56 -51.68
CA ASP B 70 -35.06 -9.06 -52.77
C ASP B 70 -34.27 -8.29 -53.83
N GLY B 71 -32.95 -8.21 -53.69
CA GLY B 71 -32.07 -7.55 -54.64
C GLY B 71 -32.15 -6.04 -54.67
N LEU B 72 -32.78 -5.39 -53.71
CA LEU B 72 -32.98 -3.96 -53.79
C LEU B 72 -31.91 -3.14 -53.08
N ARG B 73 -31.21 -3.70 -52.11
CA ARG B 73 -30.28 -2.91 -51.32
C ARG B 73 -29.05 -3.71 -50.98
N TRP B 74 -27.88 -3.12 -51.21
CA TRP B 74 -26.59 -3.67 -50.83
C TRP B 74 -25.95 -2.77 -49.79
N SER B 75 -25.23 -3.38 -48.85
CA SER B 75 -24.54 -2.63 -47.82
C SER B 75 -23.19 -3.29 -47.51
N THR B 76 -22.20 -2.46 -47.22
CA THR B 76 -20.96 -2.95 -46.63
C THR B 76 -21.27 -3.61 -45.29
N THR B 77 -20.45 -4.61 -44.93
CA THR B 77 -20.64 -5.38 -43.71
C THR B 77 -19.40 -5.44 -42.84
N GLU B 78 -18.31 -4.78 -43.22
CA GLU B 78 -17.13 -4.69 -42.38
C GLU B 78 -16.77 -3.23 -42.22
N GLN B 79 -15.85 -2.99 -41.30
CA GLN B 79 -15.45 -1.63 -40.97
C GLN B 79 -14.74 -1.02 -42.16
N LEU B 80 -15.08 0.21 -42.47
CA LEU B 80 -14.39 0.95 -43.52
C LEU B 80 -13.27 1.74 -42.87
N GLY B 81 -12.18 1.90 -43.59
CA GLY B 81 -10.99 2.50 -43.02
C GLY B 81 -10.86 3.99 -43.24
N TYR B 82 -10.17 4.64 -42.28
CA TYR B 82 -9.74 6.01 -42.45
C TYR B 82 -8.76 6.15 -43.61
N ASN B 83 -8.75 7.33 -44.22
CA ASN B 83 -7.74 7.70 -45.18
C ASN B 83 -7.68 6.72 -46.34
N ARG B 84 -8.86 6.31 -46.85
CA ARG B 84 -8.92 5.44 -48.01
CA ARG B 84 -8.97 5.42 -47.99
C ARG B 84 -9.74 6.09 -49.12
N ARG B 85 -9.45 5.66 -50.34
CA ARG B 85 -10.23 6.01 -51.50
C ARG B 85 -10.91 4.73 -51.94
N TYR B 86 -12.23 4.71 -51.90
CA TYR B 86 -13.00 3.52 -52.26
C TYR B 86 -13.71 3.76 -53.58
N THR B 87 -13.78 2.71 -54.39
CA THR B 87 -14.49 2.74 -55.66
C THR B 87 -15.59 1.71 -55.66
N LEU B 88 -16.81 2.17 -55.87
CA LEU B 88 -18.00 1.34 -55.92
C LEU B 88 -18.39 1.18 -57.39
N ASN B 89 -18.69 -0.05 -57.80
CA ASN B 89 -19.23 -0.34 -59.12
C ASN B 89 -20.52 -1.11 -58.91
N ALA B 90 -21.60 -0.65 -59.52
CA ALA B 90 -22.91 -1.26 -59.33
C ALA B 90 -23.61 -1.37 -60.67
N THR B 91 -24.34 -2.47 -60.88
CA THR B 91 -25.16 -2.68 -62.05
C THR B 91 -26.54 -3.08 -61.59
N ALA B 92 -27.58 -2.48 -62.20
CA ALA B 92 -28.97 -2.78 -61.90
C ALA B 92 -29.62 -3.21 -63.21
N LEU B 93 -30.54 -4.17 -63.10
CA LEU B 93 -31.31 -4.63 -64.24
C LEU B 93 -32.80 -4.57 -63.92
N GLY B 94 -33.58 -4.26 -64.94
CA GLY B 94 -35.01 -4.37 -64.80
C GLY B 94 -35.57 -4.75 -66.15
N LEU B 95 -36.90 -4.89 -66.21
CA LEU B 95 -37.55 -5.14 -67.49
C LEU B 95 -37.28 -4.03 -68.50
N GLY B 96 -37.00 -2.82 -68.02
CA GLY B 96 -36.73 -1.71 -68.92
C GLY B 96 -35.35 -1.66 -69.50
N GLY B 97 -34.37 -2.30 -68.87
CA GLY B 97 -33.01 -2.32 -69.37
C GLY B 97 -32.02 -2.39 -68.21
N ALA B 98 -30.83 -1.85 -68.43
CA ALA B 98 -29.74 -1.91 -67.44
C ALA B 98 -29.17 -0.53 -67.18
N ALA B 99 -28.57 -0.40 -65.99
CA ALA B 99 -27.93 0.84 -65.56
C ALA B 99 -26.68 0.43 -64.79
N THR B 100 -25.55 1.08 -65.07
CA THR B 100 -24.35 0.88 -64.27
C THR B 100 -23.80 2.21 -63.82
N ARG B 101 -23.16 2.21 -62.66
CA ARG B 101 -22.55 3.42 -62.12
C ARG B 101 -21.24 3.06 -61.47
N GLN B 102 -20.30 4.00 -61.55
CA GLN B 102 -19.03 3.90 -60.85
C GLN B 102 -18.86 5.17 -60.03
N LEU B 103 -18.58 4.99 -58.74
CA LEU B 103 -18.44 6.10 -57.80
C LEU B 103 -17.14 5.92 -57.04
N THR B 104 -16.39 6.98 -56.85
CA THR B 104 -15.21 6.95 -56.00
C THR B 104 -15.34 8.02 -54.94
N PHE B 105 -15.00 7.68 -53.70
CA PHE B 105 -15.08 8.63 -52.58
C PHE B 105 -13.90 8.40 -51.65
N GLN B 106 -13.59 9.42 -50.85
CA GLN B 106 -12.49 9.39 -49.90
C GLN B 106 -13.04 9.53 -48.49
N THR B 107 -12.54 8.70 -47.57
CA THR B 107 -13.00 8.71 -46.20
C THR B 107 -12.19 9.72 -45.38
N SER B 108 -12.68 10.00 -44.17
CA SER B 108 -12.00 10.94 -43.28
C SER B 108 -10.52 10.59 -43.16
N SER B 109 -9.70 11.64 -43.14
CA SER B 109 -8.27 11.53 -42.87
C SER B 109 -7.97 12.17 -41.51
N PRO B 110 -7.96 11.41 -40.43
CA PRO B 110 -7.71 12.03 -39.11
C PRO B 110 -6.30 12.58 -38.97
N ALA B 111 -6.21 13.65 -38.18
CA ALA B 111 -4.91 14.14 -37.71
C ALA B 111 -4.43 13.35 -36.49
N HIS B 112 -5.37 12.95 -35.64
CA HIS B 112 -5.09 12.15 -34.46
C HIS B 112 -6.15 11.08 -34.28
N LEU B 113 -5.79 10.03 -33.58
CA LEU B 113 -6.75 9.06 -33.09
C LEU B 113 -6.70 8.99 -31.56
N THR B 114 -7.85 8.73 -30.96
CA THR B 114 -7.94 8.56 -29.52
C THR B 114 -8.74 7.31 -29.19
N MET B 115 -8.22 6.53 -28.23
CA MET B 115 -8.88 5.33 -27.79
C MET B 115 -9.62 5.55 -26.49
N PRO B 116 -10.89 5.15 -26.42
CA PRO B 116 -11.61 5.22 -25.14
C PRO B 116 -11.43 3.96 -24.31
N TYR B 117 -11.47 4.15 -22.99
CA TYR B 117 -11.41 3.07 -22.02
C TYR B 117 -12.59 3.25 -21.07
N VAL B 118 -13.39 2.20 -20.88
CA VAL B 118 -14.65 2.30 -20.13
CA VAL B 118 -14.64 2.31 -20.13
C VAL B 118 -14.54 1.52 -18.83
N MET B 119 -15.05 2.11 -17.75
CA MET B 119 -15.24 1.49 -16.45
C MET B 119 -16.69 1.71 -16.04
N PRO B 120 -17.30 0.76 -15.31
CA PRO B 120 -16.70 -0.52 -14.87
C PRO B 120 -16.61 -1.57 -15.97
N GLY B 121 -16.06 -2.72 -15.60
CA GLY B 121 -15.78 -3.75 -16.57
C GLY B 121 -17.01 -4.51 -17.01
N ASP B 122 -16.90 -5.09 -18.20
CA ASP B 122 -18.01 -5.82 -18.78
C ASP B 122 -18.41 -6.98 -17.88
N GLY B 123 -19.70 -7.12 -17.66
CA GLY B 123 -20.23 -8.19 -16.84
C GLY B 123 -20.08 -8.00 -15.36
N GLU B 124 -19.52 -6.89 -14.91
CA GLU B 124 -19.36 -6.72 -13.47
C GLU B 124 -20.67 -6.35 -12.78
N VAL B 125 -20.73 -6.68 -11.49
CA VAL B 125 -21.81 -6.25 -10.60
C VAL B 125 -21.18 -5.22 -9.65
N VAL B 126 -21.78 -4.02 -9.59
CA VAL B 126 -21.20 -2.89 -8.89
C VAL B 126 -22.25 -2.25 -7.99
N GLY B 127 -21.79 -1.38 -7.12
CA GLY B 127 -22.66 -0.75 -6.16
C GLY B 127 -23.44 0.44 -6.72
N VAL B 128 -24.37 0.94 -5.87
CA VAL B 128 -25.35 1.92 -6.30
C VAL B 128 -24.76 3.29 -6.54
N GLY B 129 -23.50 3.50 -6.20
CA GLY B 129 -22.80 4.73 -6.49
C GLY B 129 -21.91 4.73 -7.73
N GLU B 130 -21.90 3.66 -8.52
CA GLU B 130 -20.92 3.54 -9.57
C GLU B 130 -21.31 4.41 -10.77
N PRO B 131 -20.54 5.43 -11.11
CA PRO B 131 -20.79 6.13 -12.38
C PRO B 131 -20.26 5.33 -13.56
N VAL B 132 -20.81 5.60 -14.73
CA VAL B 132 -20.16 5.20 -15.98
C VAL B 132 -18.97 6.12 -16.20
N ALA B 133 -17.82 5.55 -16.57
CA ALA B 133 -16.66 6.38 -16.89
C ALA B 133 -16.12 6.03 -18.25
N ILE B 134 -15.88 7.05 -19.07
CA ILE B 134 -15.29 6.89 -20.39
C ILE B 134 -14.05 7.77 -20.41
N ARG B 135 -12.85 7.15 -20.41
CA ARG B 135 -11.59 7.88 -20.38
C ARG B 135 -10.87 7.73 -21.73
N PHE B 136 -10.60 8.85 -22.38
CA PHE B 136 -9.85 8.87 -23.63
C PHE B 136 -8.35 9.04 -23.36
N ASP B 137 -7.52 8.51 -24.26
CA ASP B 137 -6.08 8.64 -24.10
C ASP B 137 -5.51 9.91 -24.70
N GLU B 138 -6.34 10.81 -25.23
CA GLU B 138 -5.93 12.12 -25.71
C GLU B 138 -7.00 13.11 -25.27
N ASN B 139 -6.60 14.38 -25.17
CA ASN B 139 -7.53 15.44 -24.77
C ASN B 139 -8.61 15.63 -25.84
N ILE B 140 -9.85 15.79 -25.40
CA ILE B 140 -11.00 15.89 -26.30
C ILE B 140 -11.37 17.36 -26.52
N ALA B 141 -11.22 17.83 -27.76
CA ALA B 141 -11.51 19.23 -28.06
C ALA B 141 -13.00 19.51 -28.19
N ASP B 142 -13.78 18.56 -28.70
CA ASP B 142 -15.24 18.69 -28.85
C ASP B 142 -15.93 17.70 -27.92
N ARG B 143 -16.09 18.12 -26.66
CA ARG B 143 -16.71 17.26 -25.66
C ARG B 143 -18.14 16.89 -26.05
N GLY B 144 -18.87 17.81 -26.69
CA GLY B 144 -20.23 17.49 -27.09
C GLY B 144 -20.31 16.37 -28.10
N ALA B 145 -19.33 16.32 -29.01
CA ALA B 145 -19.29 15.24 -29.99
C ALA B 145 -19.05 13.91 -29.28
N ALA B 146 -18.18 13.90 -28.28
CA ALA B 146 -17.96 12.68 -27.53
C ALA B 146 -19.23 12.26 -26.79
N GLU B 147 -19.87 13.19 -26.08
CA GLU B 147 -21.10 12.84 -25.36
C GLU B 147 -22.15 12.29 -26.32
N LYS B 148 -22.31 12.94 -27.48
CA LYS B 148 -23.30 12.49 -28.45
C LYS B 148 -23.01 11.07 -28.94
N ALA B 149 -21.74 10.67 -29.00
CA ALA B 149 -21.33 9.35 -29.49
C ALA B 149 -21.45 8.24 -28.46
N ILE B 150 -21.84 8.56 -27.23
CA ILE B 150 -21.90 7.60 -26.14
C ILE B 150 -23.37 7.33 -25.84
N LYS B 151 -23.83 6.10 -26.11
CA LYS B 151 -25.22 5.72 -25.92
C LYS B 151 -25.32 4.86 -24.67
N ILE B 152 -26.03 5.35 -23.66
CA ILE B 152 -26.21 4.63 -22.40
C ILE B 152 -27.67 4.20 -22.31
N THR B 153 -27.87 2.89 -22.13
CA THR B 153 -29.18 2.29 -21.94
C THR B 153 -29.29 1.86 -20.48
N THR B 154 -30.43 2.12 -19.86
CA THR B 154 -30.67 1.66 -18.49
C THR B 154 -32.02 0.95 -18.40
N ASN B 155 -32.09 -0.05 -17.52
CA ASN B 155 -33.32 -0.81 -17.30
C ASN B 155 -33.38 -1.27 -15.85
N PRO B 156 -34.30 -0.75 -15.03
CA PRO B 156 -35.32 0.25 -15.37
C PRO B 156 -34.73 1.57 -15.86
N PRO B 157 -35.36 2.19 -16.84
CA PRO B 157 -34.81 3.43 -17.39
C PRO B 157 -34.78 4.53 -16.34
N VAL B 158 -33.67 5.28 -16.33
CA VAL B 158 -33.50 6.39 -15.43
C VAL B 158 -32.72 7.47 -16.17
N GLU B 159 -33.05 8.73 -15.85
CA GLU B 159 -32.33 9.85 -16.43
C GLU B 159 -30.93 9.94 -15.83
N GLY B 160 -29.96 10.29 -16.67
CA GLY B 160 -28.61 10.60 -16.24
C GLY B 160 -28.03 11.68 -17.13
N ALA B 161 -26.79 12.03 -16.86
CA ALA B 161 -26.13 13.11 -17.60
C ALA B 161 -24.61 12.97 -17.50
N PHE B 162 -23.92 13.64 -18.43
CA PHE B 162 -22.46 13.63 -18.51
C PHE B 162 -21.84 14.81 -17.78
N TYR B 163 -20.66 14.57 -17.21
CA TYR B 163 -19.83 15.61 -16.61
C TYR B 163 -18.37 15.21 -16.74
N TRP B 164 -17.53 16.14 -17.16
CA TRP B 164 -16.11 15.89 -17.36
C TRP B 164 -15.30 16.17 -16.10
N LEU B 165 -14.49 15.18 -15.69
CA LEU B 165 -13.60 15.36 -14.54
C LEU B 165 -12.31 16.05 -14.93
N ASN B 166 -11.90 15.92 -16.19
CA ASN B 166 -10.70 16.53 -16.75
C ASN B 166 -10.84 16.49 -18.27
N ASN B 167 -9.77 16.82 -19.00
CA ASN B 167 -9.89 16.92 -20.44
C ASN B 167 -10.02 15.58 -21.15
N ARG B 168 -9.81 14.46 -20.44
CA ARG B 168 -9.84 13.14 -21.04
C ARG B 168 -10.98 12.25 -20.56
N GLU B 169 -11.55 12.50 -19.38
CA GLU B 169 -12.44 11.53 -18.77
C GLU B 169 -13.80 12.17 -18.49
N VAL B 170 -14.84 11.54 -19.01
CA VAL B 170 -16.21 11.94 -18.78
C VAL B 170 -16.93 10.86 -17.97
N ARG B 171 -17.83 11.31 -17.11
CA ARG B 171 -18.61 10.46 -16.23
C ARG B 171 -20.07 10.65 -16.54
N TRP B 172 -20.85 9.57 -16.35
CA TRP B 172 -22.30 9.64 -16.48
C TRP B 172 -22.97 8.95 -15.30
N ARG B 173 -23.98 9.60 -14.74
CA ARG B 173 -24.67 9.01 -13.61
C ARG B 173 -26.04 9.62 -13.50
N PRO B 174 -26.94 8.98 -12.75
CA PRO B 174 -28.25 9.56 -12.45
C PRO B 174 -28.17 10.58 -11.33
N GLU B 175 -29.32 11.18 -11.07
CA GLU B 175 -29.45 12.19 -10.02
C GLU B 175 -29.26 11.58 -8.65
N HIS B 176 -29.84 10.40 -8.43
CA HIS B 176 -29.74 9.67 -7.18
C HIS B 176 -29.00 8.36 -7.42
N PHE B 177 -28.58 7.75 -6.31
CA PHE B 177 -27.97 6.44 -6.37
C PHE B 177 -28.83 5.49 -7.20
N TRP B 178 -28.17 4.57 -7.89
CA TRP B 178 -28.89 3.60 -8.71
C TRP B 178 -29.82 2.72 -7.86
N LYS B 179 -30.90 2.27 -8.49
CA LYS B 179 -31.72 1.22 -7.91
C LYS B 179 -31.05 -0.14 -8.11
N PRO B 180 -30.91 -0.94 -7.05
CA PRO B 180 -30.47 -2.33 -7.23
C PRO B 180 -31.26 -3.05 -8.30
N GLY B 181 -30.57 -3.90 -9.06
CA GLY B 181 -31.17 -4.67 -10.12
C GLY B 181 -31.21 -3.98 -11.46
N THR B 182 -30.56 -2.82 -11.58
CA THR B 182 -30.59 -2.06 -12.82
C THR B 182 -29.48 -2.56 -13.75
N ALA B 183 -29.85 -2.78 -15.02
CA ALA B 183 -28.92 -3.11 -16.08
C ALA B 183 -28.47 -1.80 -16.73
N VAL B 184 -27.17 -1.69 -16.98
CA VAL B 184 -26.57 -0.49 -17.57
C VAL B 184 -25.74 -0.92 -18.78
N ASP B 185 -26.07 -0.37 -19.95
CA ASP B 185 -25.38 -0.71 -21.18
C ASP B 185 -24.70 0.54 -21.71
N VAL B 186 -23.44 0.41 -22.10
CA VAL B 186 -22.63 1.56 -22.50
C VAL B 186 -22.02 1.25 -23.85
N ALA B 187 -22.43 2.00 -24.88
CA ALA B 187 -21.92 1.84 -26.24
C ALA B 187 -21.19 3.12 -26.59
N VAL B 188 -19.86 3.05 -26.59
CA VAL B 188 -19.03 4.20 -26.96
C VAL B 188 -18.75 4.08 -28.45
N ASN B 189 -19.52 4.81 -29.26
CA ASN B 189 -19.51 4.64 -30.72
C ASN B 189 -18.70 5.75 -31.37
N THR B 190 -17.38 5.73 -31.10
CA THR B 190 -16.47 6.80 -31.46
C THR B 190 -15.73 6.54 -32.78
N TYR B 191 -15.76 5.32 -33.28
CA TYR B 191 -15.08 5.05 -34.54
C TYR B 191 -15.77 5.86 -35.63
N GLY B 192 -14.98 6.60 -36.40
CA GLY B 192 -15.47 7.44 -37.46
C GLY B 192 -16.02 8.78 -37.04
N VAL B 193 -16.02 9.09 -35.75
CA VAL B 193 -16.55 10.35 -35.22
C VAL B 193 -15.41 11.33 -35.02
N ASP B 194 -15.59 12.56 -35.51
CA ASP B 194 -14.64 13.64 -35.31
C ASP B 194 -14.87 14.22 -33.92
N LEU B 195 -13.91 14.03 -33.02
CA LEU B 195 -13.99 14.53 -31.65
C LEU B 195 -13.31 15.88 -31.48
N GLY B 196 -13.02 16.57 -32.57
CA GLY B 196 -12.50 17.92 -32.52
C GLY B 196 -11.08 17.98 -33.04
N GLU B 197 -10.79 19.00 -33.85
CA GLU B 197 -9.43 19.29 -34.32
C GLU B 197 -8.82 18.10 -35.05
N GLY B 198 -9.64 17.39 -35.81
CA GLY B 198 -9.15 16.26 -36.57
C GLY B 198 -8.86 15.02 -35.76
N MET B 199 -9.24 14.98 -34.50
CA MET B 199 -9.10 13.80 -33.67
C MET B 199 -10.32 12.90 -33.84
N PHE B 200 -10.11 11.68 -34.30
CA PHE B 200 -11.20 10.72 -34.49
C PHE B 200 -11.02 9.54 -33.54
N GLY B 201 -12.12 8.81 -33.31
CA GLY B 201 -12.04 7.63 -32.47
C GLY B 201 -11.20 6.51 -33.08
N GLU B 202 -10.34 5.90 -32.27
CA GLU B 202 -9.56 4.78 -32.76
C GLU B 202 -10.43 3.54 -32.98
N ASP B 203 -11.46 3.35 -32.16
CA ASP B 203 -12.33 2.18 -32.20
C ASP B 203 -13.57 2.50 -31.37
N ASN B 204 -14.54 1.61 -31.45
CA ASN B 204 -15.68 1.59 -30.55
C ASN B 204 -15.33 0.76 -29.32
N VAL B 205 -16.03 1.02 -28.23
CA VAL B 205 -16.00 0.11 -27.09
C VAL B 205 -17.43 -0.09 -26.59
N GLN B 206 -17.67 -1.26 -25.99
CA GLN B 206 -18.96 -1.55 -25.42
C GLN B 206 -18.74 -2.27 -24.09
N THR B 207 -19.51 -1.88 -23.08
CA THR B 207 -19.51 -2.55 -21.78
C THR B 207 -20.95 -2.66 -21.30
N HIS B 208 -21.19 -3.63 -20.43
CA HIS B 208 -22.51 -3.81 -19.85
C HIS B 208 -22.30 -4.20 -18.39
N PHE B 209 -23.07 -3.61 -17.48
CA PHE B 209 -22.94 -4.01 -16.08
C PHE B 209 -24.28 -3.93 -15.38
N THR B 210 -24.28 -4.39 -14.10
CA THR B 210 -25.48 -4.49 -13.31
C THR B 210 -25.23 -3.91 -11.93
N ILE B 211 -26.27 -3.29 -11.37
CA ILE B 211 -26.23 -2.75 -10.02
C ILE B 211 -26.70 -3.83 -9.04
N GLY B 212 -25.87 -4.11 -8.06
CA GLY B 212 -26.17 -5.07 -7.00
C GLY B 212 -26.80 -4.41 -5.79
N ASP B 213 -26.61 -5.07 -4.64
CA ASP B 213 -27.20 -4.59 -3.40
C ASP B 213 -26.78 -3.15 -3.09
N GLU B 214 -27.66 -2.41 -2.43
CA GLU B 214 -27.36 -1.08 -1.92
C GLU B 214 -26.52 -1.24 -0.66
N VAL B 215 -25.27 -0.77 -0.70
CA VAL B 215 -24.36 -0.83 0.43
C VAL B 215 -23.87 0.58 0.69
N ILE B 216 -24.22 1.14 1.84
CA ILE B 216 -23.87 2.52 2.20
C ILE B 216 -23.30 2.49 3.60
N ALA B 217 -22.03 2.86 3.75
CA ALA B 217 -21.36 2.86 5.04
C ALA B 217 -21.18 4.31 5.47
N THR B 218 -21.58 4.64 6.69
CA THR B 218 -21.54 6.02 7.17
C THR B 218 -20.54 6.13 8.32
N ALA B 219 -19.56 7.03 8.15
CA ALA B 219 -18.58 7.35 9.17
C ALA B 219 -18.97 8.68 9.82
N ASP B 220 -19.33 8.64 11.09
CA ASP B 220 -19.78 9.83 11.80
C ASP B 220 -18.68 10.24 12.77
N ASP B 221 -18.09 11.42 12.55
CA ASP B 221 -17.03 11.83 13.44
C ASP B 221 -17.53 12.10 14.86
N ASN B 222 -18.84 12.39 15.02
CA ASN B 222 -19.37 12.60 16.38
C ASN B 222 -19.33 11.34 17.21
N THR B 223 -19.41 10.17 16.57
CA THR B 223 -19.47 8.92 17.28
C THR B 223 -18.25 8.03 17.04
N LYS B 224 -17.45 8.33 16.02
CA LYS B 224 -16.28 7.54 15.66
C LYS B 224 -16.66 6.12 15.25
N ILE B 225 -17.86 5.93 14.70
CA ILE B 225 -18.32 4.64 14.22
C ILE B 225 -18.55 4.72 12.71
N LEU B 226 -18.07 3.70 12.00
CA LEU B 226 -18.40 3.44 10.59
C LEU B 226 -19.47 2.35 10.55
N THR B 227 -20.71 2.74 10.23
CA THR B 227 -21.86 1.85 10.22
C THR B 227 -22.12 1.41 8.80
N VAL B 228 -22.17 0.09 8.57
CA VAL B 228 -22.44 -0.44 7.24
C VAL B 228 -23.90 -0.87 7.17
N ARG B 229 -24.65 -0.29 6.22
CA ARG B 229 -26.04 -0.66 5.97
C ARG B 229 -26.16 -1.34 4.61
N VAL B 230 -26.82 -2.49 4.59
CA VAL B 230 -27.02 -3.26 3.38
C VAL B 230 -28.53 -3.29 3.15
N ASN B 231 -28.97 -2.65 2.08
CA ASN B 231 -30.39 -2.53 1.75
C ASN B 231 -31.17 -2.01 2.95
N GLY B 232 -30.61 -0.98 3.57
CA GLY B 232 -31.25 -0.27 4.66
C GLY B 232 -31.02 -0.85 6.04
N GLU B 233 -30.48 -2.06 6.15
CA GLU B 233 -30.31 -2.72 7.44
C GLU B 233 -28.88 -2.58 7.95
N VAL B 234 -28.76 -2.26 9.23
CA VAL B 234 -27.45 -2.18 9.88
C VAL B 234 -26.88 -3.59 10.01
N VAL B 235 -25.74 -3.83 9.38
CA VAL B 235 -25.09 -5.13 9.47
C VAL B 235 -23.73 -5.09 10.14
N LYS B 236 -23.10 -3.94 10.27
CA LYS B 236 -21.78 -3.88 10.90
C LYS B 236 -21.60 -2.48 11.45
N SER B 237 -20.98 -2.38 12.62
CA SER B 237 -20.69 -1.10 13.28
C SER B 237 -19.23 -1.13 13.71
N MET B 238 -18.38 -0.36 13.03
CA MET B 238 -16.93 -0.51 13.17
C MET B 238 -16.33 0.71 13.86
N PRO B 239 -15.74 0.58 15.04
CA PRO B 239 -14.97 1.70 15.60
C PRO B 239 -13.93 2.17 14.60
N THR B 240 -13.80 3.48 14.43
CA THR B 240 -12.82 3.99 13.49
C THR B 240 -12.04 5.14 14.09
N SER B 241 -10.82 5.31 13.57
CA SER B 241 -9.98 6.48 13.82
C SER B 241 -9.73 7.13 12.47
N MET B 242 -10.22 8.35 12.29
CA MET B 242 -10.13 9.06 11.02
C MET B 242 -8.98 10.07 11.09
N GLY B 243 -8.97 11.03 10.18
CA GLY B 243 -7.85 11.96 10.10
C GLY B 243 -7.78 12.87 11.30
N LYS B 244 -6.58 12.95 11.90
CA LYS B 244 -6.32 13.94 12.94
C LYS B 244 -6.61 15.34 12.43
N ASP B 245 -6.72 16.29 13.37
CA ASP B 245 -7.21 17.63 13.02
C ASP B 245 -6.35 18.29 11.96
N SER B 246 -5.03 18.08 12.00
CA SER B 246 -4.14 18.73 11.05
C SER B 246 -4.15 18.06 9.68
N THR B 247 -4.67 16.84 9.58
CA THR B 247 -4.84 16.15 8.29
C THR B 247 -6.18 15.44 8.32
N PRO B 248 -7.28 16.17 8.29
CA PRO B 248 -8.59 15.56 8.55
C PRO B 248 -9.13 14.80 7.34
N THR B 249 -10.08 13.92 7.63
CA THR B 249 -10.85 13.25 6.60
C THR B 249 -11.93 14.20 6.11
N ALA B 250 -11.97 14.45 4.81
CA ALA B 250 -13.01 15.31 4.26
C ALA B 250 -14.39 14.69 4.40
N ASN B 251 -15.38 15.53 4.66
CA ASN B 251 -16.77 15.06 4.65
C ASN B 251 -17.21 14.83 3.23
N GLY B 252 -18.27 14.02 3.08
CA GLY B 252 -18.89 13.89 1.79
C GLY B 252 -19.13 12.46 1.41
N ILE B 253 -19.46 12.27 0.14
CA ILE B 253 -19.85 10.98 -0.40
C ILE B 253 -18.67 10.46 -1.20
N TYR B 254 -18.19 9.28 -0.82
CA TYR B 254 -17.07 8.60 -1.48
C TYR B 254 -17.58 7.35 -2.19
N ILE B 255 -17.05 7.09 -3.38
CA ILE B 255 -17.36 5.88 -4.13
C ILE B 255 -16.27 4.85 -3.87
N VAL B 256 -16.67 3.62 -3.52
CA VAL B 256 -15.70 2.55 -3.33
C VAL B 256 -15.05 2.21 -4.67
N GLY B 257 -13.72 2.13 -4.66
CA GLY B 257 -12.96 1.71 -5.84
C GLY B 257 -12.34 0.35 -5.65
N SER B 258 -11.03 0.27 -5.85
CA SER B 258 -10.35 -1.02 -5.81
C SER B 258 -10.10 -1.47 -4.36
N ARG B 259 -9.87 -2.78 -4.21
CA ARG B 259 -9.62 -3.40 -2.92
C ARG B 259 -8.32 -4.19 -3.02
N TYR B 260 -7.59 -4.26 -1.92
CA TYR B 260 -6.28 -4.91 -1.88
C TYR B 260 -6.16 -5.75 -0.61
N LYS B 261 -5.74 -7.01 -0.76
CA LYS B 261 -5.39 -7.79 0.42
C LYS B 261 -4.25 -7.15 1.19
N HIS B 262 -3.31 -6.53 0.48
CA HIS B 262 -2.29 -5.70 1.11
C HIS B 262 -1.82 -4.70 0.06
N ILE B 263 -1.30 -3.58 0.53
CA ILE B 263 -0.84 -2.54 -0.38
C ILE B 263 0.13 -1.65 0.38
N ILE B 264 1.17 -1.19 -0.32
CA ILE B 264 2.05 -0.17 0.22
C ILE B 264 1.42 1.18 -0.11
N MET B 265 0.86 1.84 0.90
CA MET B 265 0.29 3.18 0.72
C MET B 265 1.45 4.18 0.73
N ASP B 266 1.65 4.86 -0.39
CA ASP B 266 2.78 5.74 -0.62
C ASP B 266 2.22 7.13 -0.88
N SER B 267 2.46 8.06 0.04
CA SER B 267 1.82 9.37 -0.05
C SER B 267 2.21 10.10 -1.33
N SER B 268 3.39 9.80 -1.89
CA SER B 268 3.79 10.45 -3.14
C SER B 268 2.84 10.13 -4.28
N THR B 269 2.16 8.98 -4.23
CA THR B 269 1.15 8.65 -5.22
C THR B 269 0.03 9.67 -5.23
N TYR B 270 -0.23 10.32 -4.08
CA TYR B 270 -1.38 11.20 -3.91
C TYR B 270 -0.96 12.66 -3.74
N GLY B 271 0.26 13.00 -4.12
CA GLY B 271 0.71 14.38 -4.17
C GLY B 271 1.54 14.86 -3.02
N VAL B 272 1.79 14.02 -2.02
CA VAL B 272 2.46 14.43 -0.80
C VAL B 272 3.80 13.70 -0.73
N PRO B 273 4.93 14.41 -0.75
CA PRO B 273 6.24 13.75 -0.66
C PRO B 273 6.35 12.95 0.63
N VAL B 274 6.84 11.70 0.49
CA VAL B 274 6.99 10.84 1.65
C VAL B 274 7.83 11.54 2.72
N ASN B 275 8.91 12.21 2.29
CA ASN B 275 9.83 12.85 3.23
C ASN B 275 9.27 14.12 3.87
N SER B 276 8.09 14.60 3.48
CA SER B 276 7.50 15.83 4.01
C SER B 276 6.74 15.57 5.30
N PRO B 277 6.28 16.62 5.99
CA PRO B 277 5.68 16.43 7.33
C PRO B 277 4.45 15.53 7.35
N ASN B 278 3.62 15.56 6.31
CA ASN B 278 2.42 14.73 6.25
C ASN B 278 2.59 13.52 5.34
N GLY B 279 3.82 13.24 4.88
CA GLY B 279 4.08 12.08 4.07
C GLY B 279 4.19 10.79 4.87
N TYR B 280 4.13 9.68 4.15
CA TYR B 280 4.14 8.35 4.73
C TYR B 280 4.36 7.31 3.64
N ARG B 281 4.88 6.16 4.05
CA ARG B 281 4.95 4.99 3.19
C ARG B 281 4.68 3.82 4.12
N THR B 282 3.50 3.22 4.01
CA THR B 282 3.05 2.24 4.98
C THR B 282 2.43 1.03 4.30
N ASP B 283 2.95 -0.15 4.63
CA ASP B 283 2.39 -1.41 4.18
C ASP B 283 1.20 -1.76 5.06
N VAL B 284 0.01 -1.91 4.47
CA VAL B 284 -1.21 -2.19 5.22
C VAL B 284 -1.98 -3.35 4.59
N ASP B 285 -2.81 -3.99 5.41
CA ASP B 285 -3.65 -5.07 4.95
C ASP B 285 -5.10 -4.62 4.75
N TRP B 286 -5.82 -5.37 3.91
CA TRP B 286 -7.27 -5.28 3.77
C TRP B 286 -7.70 -3.84 3.53
N ALA B 287 -7.24 -3.30 2.42
CA ALA B 287 -7.38 -1.87 2.12
C ALA B 287 -8.36 -1.68 0.97
N THR B 288 -9.38 -0.88 1.23
CA THR B 288 -10.39 -0.53 0.23
C THR B 288 -10.24 0.96 -0.08
N GLN B 289 -9.95 1.27 -1.34
CA GLN B 289 -9.75 2.65 -1.73
C GLN B 289 -11.10 3.33 -1.92
N ILE B 290 -11.25 4.53 -1.36
CA ILE B 290 -12.49 5.29 -1.53
C ILE B 290 -12.26 6.70 -2.05
N SER B 291 -11.02 7.15 -2.21
CA SER B 291 -10.78 8.36 -3.01
C SER B 291 -9.48 8.27 -3.81
N TYR B 292 -9.44 8.99 -4.93
CA TYR B 292 -8.19 9.12 -5.68
C TYR B 292 -7.18 9.93 -4.89
N SER B 293 -7.63 10.75 -3.94
CA SER B 293 -6.72 11.48 -3.07
C SER B 293 -6.03 10.60 -2.06
N GLY B 294 -6.38 9.31 -2.02
CA GLY B 294 -5.67 8.35 -1.23
C GLY B 294 -6.31 7.94 0.09
N VAL B 295 -7.60 8.21 0.27
CA VAL B 295 -8.31 7.71 1.45
C VAL B 295 -8.67 6.25 1.23
N PHE B 296 -8.29 5.40 2.19
CA PHE B 296 -8.66 4.00 2.26
C PHE B 296 -9.36 3.68 3.57
N VAL B 297 -10.24 2.69 3.54
CA VAL B 297 -10.63 1.93 4.72
C VAL B 297 -9.63 0.76 4.81
N HIS B 298 -8.94 0.63 5.93
CA HIS B 298 -7.91 -0.41 6.00
C HIS B 298 -7.65 -0.85 7.44
N SER B 299 -6.91 -1.96 7.53
CA SER B 299 -6.49 -2.51 8.81
C SER B 299 -5.44 -1.61 9.46
N ALA B 300 -5.69 -1.27 10.72
CA ALA B 300 -4.81 -0.36 11.47
C ALA B 300 -4.57 -0.94 12.86
N PRO B 301 -3.77 -2.01 12.96
CA PRO B 301 -3.50 -2.60 14.27
C PRO B 301 -2.91 -1.63 15.28
N TRP B 302 -2.18 -0.63 14.81
CA TRP B 302 -1.50 0.29 15.70
C TRP B 302 -2.43 1.31 16.37
N SER B 303 -3.65 1.50 15.86
CA SER B 303 -4.56 2.50 16.40
C SER B 303 -5.83 1.90 16.99
N VAL B 304 -5.84 0.60 17.26
CA VAL B 304 -7.06 -0.02 17.80
C VAL B 304 -7.50 0.67 19.08
N GLY B 305 -6.54 1.14 19.88
CA GLY B 305 -6.90 1.87 21.09
C GLY B 305 -7.67 3.15 20.84
N ALA B 306 -7.31 3.88 19.77
CA ALA B 306 -7.95 5.15 19.46
C ALA B 306 -9.26 4.97 18.70
N GLN B 307 -9.41 3.86 18.01
CA GLN B 307 -10.59 3.64 17.18
C GLN B 307 -11.85 3.66 18.03
N GLY B 308 -12.82 4.46 17.60
CA GLY B 308 -14.01 4.72 18.37
C GLY B 308 -13.89 5.84 19.37
N HIS B 309 -12.70 6.48 19.45
CA HIS B 309 -12.49 7.53 20.44
C HIS B 309 -11.81 8.78 19.88
N THR B 310 -10.69 8.63 19.17
CA THR B 310 -9.90 9.78 18.74
C THR B 310 -9.33 9.55 17.34
N ASN B 311 -9.21 10.65 16.58
CA ASN B 311 -8.69 10.62 15.22
C ASN B 311 -7.17 10.72 15.22
N THR B 312 -6.52 9.79 14.51
CA THR B 312 -5.06 9.68 14.51
C THR B 312 -4.42 9.61 13.13
N SER B 313 -5.19 9.49 12.05
CA SER B 313 -4.64 9.09 10.77
C SER B 313 -4.30 10.31 9.92
N HIS B 314 -3.77 10.03 8.72
CA HIS B 314 -3.54 11.05 7.70
C HIS B 314 -4.81 11.37 6.91
N GLY B 315 -5.91 10.68 7.19
CA GLY B 315 -7.09 10.86 6.39
C GLY B 315 -7.82 9.55 6.22
N CYS B 316 -7.09 8.45 6.28
CA CYS B 316 -7.67 7.13 6.11
C CYS B 316 -8.63 6.81 7.24
N LEU B 317 -9.56 5.91 6.95
CA LEU B 317 -10.49 5.38 7.95
C LEU B 317 -9.84 4.13 8.54
N ASN B 318 -9.13 4.32 9.64
CA ASN B 318 -8.51 3.22 10.37
C ASN B 318 -9.58 2.38 11.05
N VAL B 319 -9.58 1.06 10.81
CA VAL B 319 -10.42 0.13 11.57
C VAL B 319 -9.60 -1.09 11.97
N SER B 320 -10.22 -1.97 12.75
CA SER B 320 -9.50 -3.12 13.23
C SER B 320 -9.19 -4.09 12.10
N PRO B 321 -8.17 -4.93 12.28
CA PRO B 321 -7.89 -5.93 11.25
C PRO B 321 -9.10 -6.75 10.85
N SER B 322 -9.91 -7.19 11.84
CA SER B 322 -11.06 -8.02 11.49
C SER B 322 -12.10 -7.21 10.73
N ASN B 323 -12.33 -5.96 11.13
CA ASN B 323 -13.34 -5.15 10.43
C ASN B 323 -12.87 -4.75 9.05
N ALA B 324 -11.56 -4.55 8.87
CA ALA B 324 -11.05 -4.23 7.54
C ALA B 324 -11.21 -5.40 6.60
N GLN B 325 -10.95 -6.62 7.09
CA GLN B 325 -11.17 -7.80 6.25
C GLN B 325 -12.65 -7.97 5.95
N TRP B 326 -13.51 -7.75 6.96
CA TRP B 326 -14.95 -7.78 6.72
C TRP B 326 -15.33 -6.80 5.61
N PHE B 327 -14.79 -5.58 5.66
CA PHE B 327 -15.09 -4.56 4.67
C PHE B 327 -14.62 -5.01 3.29
N TYR B 328 -13.39 -5.52 3.21
CA TYR B 328 -12.86 -6.10 1.98
C TYR B 328 -13.82 -7.14 1.40
N ASP B 329 -14.34 -8.02 2.26
CA ASP B 329 -15.13 -9.16 1.81
C ASP B 329 -16.54 -8.78 1.40
N HIS B 330 -17.08 -7.71 2.00
CA HIS B 330 -18.51 -7.43 1.87
C HIS B 330 -18.84 -6.18 1.10
N VAL B 331 -17.85 -5.36 0.77
CA VAL B 331 -18.06 -4.12 0.01
C VAL B 331 -17.41 -4.28 -1.36
N LYS B 332 -18.03 -3.71 -2.39
CA LYS B 332 -17.62 -3.90 -3.77
C LYS B 332 -17.50 -2.53 -4.43
N ARG B 333 -16.79 -2.51 -5.56
CA ARG B 333 -16.66 -1.30 -6.36
C ARG B 333 -18.03 -0.67 -6.57
N GLY B 334 -18.14 0.62 -6.29
CA GLY B 334 -19.39 1.33 -6.47
C GLY B 334 -20.26 1.44 -5.25
N ASP B 335 -20.00 0.66 -4.21
CA ASP B 335 -20.67 0.94 -2.94
C ASP B 335 -20.26 2.33 -2.44
N ILE B 336 -20.91 2.80 -1.38
CA ILE B 336 -20.80 4.19 -0.94
C ILE B 336 -20.29 4.24 0.50
N VAL B 337 -19.34 5.16 0.75
CA VAL B 337 -18.97 5.57 2.10
C VAL B 337 -19.31 7.05 2.22
N GLU B 338 -20.07 7.40 3.26
CA GLU B 338 -20.40 8.81 3.51
C GLU B 338 -19.78 9.23 4.84
N VAL B 339 -18.99 10.29 4.79
CA VAL B 339 -18.31 10.81 5.96
C VAL B 339 -19.02 12.08 6.38
N VAL B 340 -19.31 12.19 7.69
CA VAL B 340 -20.00 13.35 8.21
C VAL B 340 -19.39 13.85 9.51
N ASN B 341 -19.55 15.16 9.73
CA ASN B 341 -19.25 15.88 10.97
C ASN B 341 -17.77 15.95 11.32
N THR B 342 -16.88 15.73 10.36
CA THR B 342 -15.47 15.95 10.64
C THR B 342 -15.16 17.44 10.56
N VAL B 343 -13.95 17.78 11.02
CA VAL B 343 -13.47 19.16 10.87
C VAL B 343 -12.90 19.45 9.50
N GLY B 344 -12.91 18.49 8.58
CA GLY B 344 -12.43 18.72 7.24
C GLY B 344 -13.44 19.50 6.42
N GLY B 345 -13.06 19.75 5.17
CA GLY B 345 -13.98 20.34 4.23
C GLY B 345 -14.80 19.26 3.56
N THR B 346 -15.09 19.42 2.28
CA THR B 346 -15.84 18.43 1.52
C THR B 346 -14.95 17.85 0.43
N LEU B 347 -15.06 16.55 0.22
CA LEU B 347 -14.28 15.91 -0.84
C LEU B 347 -14.59 16.54 -2.20
N PRO B 348 -13.56 16.86 -3.01
CA PRO B 348 -13.84 17.49 -4.30
C PRO B 348 -14.67 16.60 -5.21
N GLY B 349 -15.65 17.23 -5.89
CA GLY B 349 -16.49 16.51 -6.83
C GLY B 349 -15.72 15.87 -7.97
N ILE B 350 -14.55 16.42 -8.30
CA ILE B 350 -13.75 15.87 -9.39
C ILE B 350 -12.56 15.07 -8.88
N ASP B 351 -12.63 14.58 -7.64
CA ASP B 351 -11.57 13.74 -7.09
C ASP B 351 -11.23 12.57 -8.00
N GLY B 352 -12.26 11.94 -8.59
CA GLY B 352 -12.17 10.64 -9.22
C GLY B 352 -13.15 9.64 -8.65
N LEU B 353 -13.43 9.74 -7.33
CA LEU B 353 -14.45 8.97 -6.65
C LEU B 353 -15.38 9.88 -5.87
N GLY B 354 -15.41 11.16 -6.23
CA GLY B 354 -16.16 12.16 -5.47
C GLY B 354 -17.36 12.70 -6.21
N ASP B 355 -17.76 12.00 -7.29
CA ASP B 355 -18.76 12.51 -8.23
C ASP B 355 -20.05 12.98 -7.55
N TRP B 356 -20.50 12.25 -6.52
CA TRP B 356 -21.81 12.54 -5.93
C TRP B 356 -21.80 13.81 -5.07
N ASN B 357 -20.65 14.42 -4.87
CA ASN B 357 -20.60 15.69 -4.14
C ASN B 357 -20.90 16.89 -5.02
N ILE B 358 -21.00 16.71 -6.33
CA ILE B 358 -21.43 17.77 -7.24
C ILE B 358 -22.96 17.77 -7.26
N PRO B 359 -23.61 18.87 -6.89
CA PRO B 359 -25.08 18.85 -6.88
C PRO B 359 -25.64 18.55 -8.26
N TRP B 360 -26.81 17.90 -8.29
CA TRP B 360 -27.36 17.40 -9.54
C TRP B 360 -27.55 18.51 -10.57
N ASP B 361 -28.04 19.67 -10.15
CA ASP B 361 -28.28 20.72 -11.14
C ASP B 361 -26.98 21.14 -11.82
N GLN B 362 -25.87 21.16 -11.07
CA GLN B 362 -24.57 21.47 -11.68
C GLN B 362 -24.06 20.31 -12.55
N TRP B 363 -24.22 19.08 -12.08
CA TRP B 363 -23.79 17.94 -12.88
C TRP B 363 -24.58 17.85 -14.18
N ARG B 364 -25.91 17.98 -14.08
CA ARG B 364 -26.77 17.88 -15.25
C ARG B 364 -26.44 18.95 -16.29
N ALA B 365 -26.23 20.19 -15.85
CA ALA B 365 -25.85 21.26 -16.76
C ALA B 365 -24.59 20.90 -17.53
N GLY B 366 -23.69 20.12 -16.91
CA GLY B 366 -22.50 19.66 -17.60
C GLY B 366 -21.44 20.74 -17.76
N ASN B 367 -20.40 20.37 -18.50
CA ASN B 367 -19.26 21.25 -18.76
C ASN B 367 -18.66 20.92 -20.13
N ALA B 368 -19.53 20.61 -21.09
CA ALA B 368 -19.06 20.25 -22.43
C ALA B 368 -18.54 21.45 -23.20
N LYS B 369 -19.03 22.65 -22.89
CA LYS B 369 -18.71 23.83 -23.71
C LYS B 369 -17.86 24.80 -22.91
#